data_2H84
#
_entry.id   2H84
#
_cell.length_a   81.957
_cell.length_b   83.312
_cell.length_c   114.300
_cell.angle_alpha   90.000
_cell.angle_beta   90.000
_cell.angle_gamma   90.000
#
_symmetry.space_group_name_H-M   'P 21 21 21'
#
loop_
_entity.id
_entity.type
_entity.pdbx_description
1 polymer Steely1
2 non-polymer 'HEXAETHYLENE GLYCOL'
3 water water
#
_entity_poly.entity_id   1
_entity_poly.type   'polypeptide(L)'
_entity_poly.pdbx_seq_one_letter_code
;GSLSRLSYKSNNNSFVLGIGISVPGEPISQQSLKDSISNDFSDKAETNEKVKRIFEQSQIKTRHLVRDYTKPENSIKFRH
LETITDVNNQFKKVVPDLAQQACLRALKDWGGDKGDITHIVSVTSTGIIIPDVNFKLIDLLGLNKDVERVSLNLMGCLAG
LSSLRTAASLAKASPRNRILVVCTEVCSLHFSNTDGGDQMVASSIFADGSAAYIIGCNPRIEETPLYEVMCSINRSFPNT
ENAMVWDLEKEGWNLGLDASIPIVIGSGIEAFVDTLLDKAKLQTSTAISAKDCEFLIHTGGKSILMNIENSLGIDPKQTK
NTWDVYHAYGNMSSASVIFVMDHARKSKSLPTYSISLAFGPGLAFEGCFLKNVV
;
_entity_poly.pdbx_strand_id   A,B
#
loop_
_chem_comp.id
_chem_comp.type
_chem_comp.name
_chem_comp.formula
P6G non-polymer 'HEXAETHYLENE GLYCOL' 'C12 H26 O7'
#
# COMPACT_ATOMS: atom_id res chain seq x y z
N ASN A 12 14.01 14.40 19.45
CA ASN A 12 13.63 13.14 19.98
C ASN A 12 12.99 12.15 19.08
N ASN A 13 12.50 11.05 19.64
CA ASN A 13 11.87 10.03 18.83
C ASN A 13 10.43 9.67 19.17
N SER A 14 9.79 8.99 18.22
CA SER A 14 8.40 8.56 18.28
C SER A 14 7.94 7.74 19.47
N PHE A 15 6.65 7.84 19.80
CA PHE A 15 6.05 7.11 20.93
C PHE A 15 4.68 6.56 20.54
N VAL A 16 4.35 5.37 21.01
CA VAL A 16 3.05 4.79 20.72
C VAL A 16 2.18 5.39 21.82
N LEU A 17 1.24 6.25 21.46
CA LEU A 17 0.38 6.92 22.44
C LEU A 17 -0.97 6.28 22.76
N GLY A 18 -1.30 5.19 22.08
CA GLY A 18 -2.56 4.52 22.34
C GLY A 18 -2.76 3.33 21.43
N ILE A 19 -3.48 2.31 21.91
CA ILE A 19 -3.73 1.12 21.12
C ILE A 19 -5.15 0.61 21.33
N GLY A 20 -5.73 0.03 20.29
CA GLY A 20 -7.07 -0.51 20.41
C GLY A 20 -7.21 -1.67 19.47
N ILE A 21 -7.96 -2.68 19.89
CA ILE A 21 -8.17 -3.84 19.04
C ILE A 21 -9.65 -4.02 18.77
N SER A 22 -9.96 -4.94 17.87
CA SER A 22 -11.34 -5.23 17.51
C SER A 22 -11.38 -6.56 16.76
N VAL A 23 -12.27 -7.45 17.15
CA VAL A 23 -12.35 -8.74 16.48
C VAL A 23 -13.79 -9.11 16.16
N PRO A 24 -13.98 -9.94 15.15
CA PRO A 24 -15.33 -10.37 14.76
C PRO A 24 -15.89 -11.43 15.70
N GLY A 25 -17.11 -11.16 16.18
CA GLY A 25 -17.81 -12.09 17.07
C GLY A 25 -17.10 -12.52 18.33
N GLU A 26 -17.50 -13.68 18.83
CA GLU A 26 -16.95 -14.29 20.05
C GLU A 26 -15.82 -15.27 19.75
N PRO A 27 -15.05 -15.64 20.77
CA PRO A 27 -13.93 -16.57 20.57
C PRO A 27 -14.48 -17.93 20.18
N ILE A 28 -14.06 -18.44 19.03
CA ILE A 28 -14.50 -19.74 18.57
C ILE A 28 -13.50 -20.79 19.07
N SER A 29 -14.01 -21.87 19.63
CA SER A 29 -13.16 -22.95 20.15
C SER A 29 -12.33 -23.59 19.06
N GLN A 30 -11.04 -23.79 19.32
CA GLN A 30 -10.15 -24.40 18.34
C GLN A 30 -10.52 -25.86 18.19
N GLN A 31 -11.07 -26.44 19.26
CA GLN A 31 -11.47 -27.83 19.25
C GLN A 31 -12.68 -28.08 18.35
N SER A 32 -13.68 -27.21 18.44
CA SER A 32 -14.86 -27.37 17.60
C SER A 32 -14.51 -27.09 16.14
N LEU A 33 -13.61 -26.13 15.91
CA LEU A 33 -13.16 -25.84 14.55
C LEU A 33 -12.40 -27.07 14.07
N LYS A 34 -11.64 -27.68 14.98
CA LYS A 34 -10.90 -28.88 14.64
C LYS A 34 -11.93 -29.88 14.13
N ASP A 35 -12.87 -30.26 14.99
CA ASP A 35 -13.88 -31.22 14.58
C ASP A 35 -14.47 -30.83 13.23
N SER A 36 -15.18 -29.70 13.23
CA SER A 36 -15.83 -29.18 12.04
C SER A 36 -15.04 -29.20 10.75
N ILE A 37 -14.06 -28.31 10.65
CA ILE A 37 -13.31 -28.27 9.41
C ILE A 37 -12.54 -29.55 9.05
N SER A 38 -12.05 -30.28 10.04
CA SER A 38 -11.34 -31.52 9.75
C SER A 38 -12.22 -32.56 9.08
N ASN A 39 -13.39 -32.82 9.66
CA ASN A 39 -14.29 -33.80 9.08
C ASN A 39 -14.85 -33.37 7.72
N ASP A 40 -14.93 -32.07 7.50
CA ASP A 40 -15.44 -31.55 6.22
C ASP A 40 -14.37 -31.38 5.15
N PHE A 41 -13.11 -31.54 5.54
CA PHE A 41 -12.01 -31.37 4.60
C PHE A 41 -12.03 -32.26 3.37
N SER A 42 -12.56 -33.48 3.51
CA SER A 42 -12.59 -34.41 2.40
C SER A 42 -13.34 -35.69 2.74
N ASP A 43 -13.31 -36.63 1.82
CA ASP A 43 -13.98 -37.91 1.99
C ASP A 43 -12.99 -39.03 2.20
N LYS A 44 -11.84 -38.72 2.79
CA LYS A 44 -10.81 -39.71 3.03
C LYS A 44 -10.37 -39.56 4.49
N ALA A 45 -10.79 -40.52 5.32
CA ALA A 45 -10.46 -40.51 6.74
C ALA A 45 -8.98 -40.20 6.97
N GLU A 46 -8.15 -40.76 6.10
CA GLU A 46 -6.70 -40.57 6.19
C GLU A 46 -6.38 -39.09 6.09
N THR A 47 -7.01 -38.40 5.15
CA THR A 47 -6.78 -36.96 5.01
C THR A 47 -7.44 -36.15 6.13
N ASN A 48 -8.63 -36.56 6.54
CA ASN A 48 -9.33 -35.87 7.63
C ASN A 48 -8.58 -35.97 8.94
N GLU A 49 -7.94 -37.11 9.18
CA GLU A 49 -7.18 -37.30 10.41
C GLU A 49 -5.95 -36.41 10.41
N LYS A 50 -5.31 -36.29 9.26
CA LYS A 50 -4.11 -35.46 9.12
C LYS A 50 -4.43 -34.02 9.48
N VAL A 51 -5.66 -33.58 9.20
CA VAL A 51 -6.08 -32.23 9.53
C VAL A 51 -6.26 -32.19 11.04
N LYS A 52 -7.07 -33.11 11.55
CA LYS A 52 -7.35 -33.22 12.96
C LYS A 52 -6.05 -33.14 13.77
N ARG A 53 -5.02 -33.80 13.26
CA ARG A 53 -3.71 -33.84 13.91
C ARG A 53 -3.12 -32.43 13.99
N ILE A 54 -3.01 -31.79 12.84
CA ILE A 54 -2.48 -30.44 12.72
C ILE A 54 -3.12 -29.48 13.71
N PHE A 55 -4.45 -29.54 13.83
CA PHE A 55 -5.15 -28.67 14.77
C PHE A 55 -4.66 -28.92 16.18
N GLU A 56 -4.71 -30.19 16.58
CA GLU A 56 -4.25 -30.58 17.90
C GLU A 56 -2.87 -30.01 18.20
N GLN A 57 -1.91 -30.28 17.32
CA GLN A 57 -0.55 -29.79 17.53
C GLN A 57 -0.36 -28.32 17.22
N SER A 58 -1.45 -27.58 17.03
CA SER A 58 -1.36 -26.15 16.70
C SER A 58 -1.13 -25.27 17.93
N GLN A 59 -1.57 -25.77 19.09
CA GLN A 59 -1.42 -25.03 20.34
C GLN A 59 -2.27 -23.76 20.41
N ILE A 60 -3.30 -23.67 19.59
CA ILE A 60 -4.17 -22.51 19.60
C ILE A 60 -5.45 -22.91 20.32
N LYS A 61 -5.91 -22.07 21.24
CA LYS A 61 -7.10 -22.36 22.01
C LYS A 61 -8.36 -21.80 21.38
N THR A 62 -8.28 -20.56 20.91
CA THR A 62 -9.42 -19.89 20.26
C THR A 62 -8.99 -18.96 19.13
N ARG A 63 -9.96 -18.65 18.26
CA ARG A 63 -9.78 -17.75 17.13
C ARG A 63 -11.10 -17.05 16.85
N HIS A 64 -11.01 -15.84 16.31
CA HIS A 64 -12.20 -15.06 15.96
C HIS A 64 -12.28 -15.09 14.43
N LEU A 65 -13.42 -15.49 13.89
CA LEU A 65 -13.55 -15.60 12.45
C LEU A 65 -14.82 -15.00 11.89
N VAL A 66 -14.68 -14.22 10.82
CA VAL A 66 -15.82 -13.61 10.16
C VAL A 66 -16.62 -14.79 9.61
N ARG A 67 -15.91 -15.85 9.21
CA ARG A 67 -16.58 -17.05 8.71
C ARG A 67 -16.39 -18.18 9.71
N ASP A 68 -17.42 -18.45 10.50
CA ASP A 68 -17.37 -19.49 11.51
C ASP A 68 -17.64 -20.84 10.85
N TYR A 69 -16.56 -21.55 10.54
CA TYR A 69 -16.68 -22.83 9.89
C TYR A 69 -17.44 -23.90 10.65
N THR A 70 -17.69 -23.69 11.94
CA THR A 70 -18.43 -24.68 12.70
C THR A 70 -19.89 -24.62 12.29
N LYS A 71 -20.30 -23.49 11.70
CA LYS A 71 -21.66 -23.33 11.21
C LYS A 71 -21.74 -24.06 9.86
N PRO A 72 -22.70 -25.00 9.73
CA PRO A 72 -22.90 -25.79 8.51
C PRO A 72 -22.84 -25.09 7.16
N GLU A 73 -23.49 -23.93 7.04
CA GLU A 73 -23.50 -23.20 5.77
C GLU A 73 -22.08 -22.78 5.38
N ASN A 74 -21.29 -22.38 6.36
CA ASN A 74 -19.93 -21.94 6.08
C ASN A 74 -18.94 -23.10 5.95
N SER A 75 -19.43 -24.34 5.92
CA SER A 75 -18.55 -25.51 5.81
C SER A 75 -17.45 -25.21 4.82
N ILE A 76 -16.25 -25.70 5.09
CA ILE A 76 -15.11 -25.47 4.22
C ILE A 76 -15.25 -26.26 2.93
N LYS A 77 -16.08 -27.29 2.94
CA LYS A 77 -16.27 -28.11 1.75
C LYS A 77 -17.08 -27.40 0.67
N PHE A 78 -17.53 -26.19 0.97
CA PHE A 78 -18.31 -25.40 0.01
C PHE A 78 -17.46 -24.30 -0.61
N ARG A 79 -16.31 -24.01 0.01
CA ARG A 79 -15.40 -22.96 -0.45
C ARG A 79 -15.05 -23.03 -1.94
N HIS A 80 -14.97 -24.23 -2.49
CA HIS A 80 -14.63 -24.35 -3.90
C HIS A 80 -15.69 -23.76 -4.82
N LEU A 81 -16.89 -23.54 -4.30
CA LEU A 81 -17.99 -22.98 -5.10
C LEU A 81 -17.98 -21.47 -5.14
N GLU A 82 -17.10 -20.87 -4.35
CA GLU A 82 -16.97 -19.42 -4.28
C GLU A 82 -15.84 -18.96 -5.19
N THR A 83 -15.86 -17.68 -5.54
CA THR A 83 -14.84 -17.11 -6.41
C THR A 83 -14.22 -15.90 -5.72
N ILE A 84 -13.24 -15.29 -6.35
CA ILE A 84 -12.58 -14.12 -5.79
C ILE A 84 -13.59 -12.99 -5.59
N THR A 85 -14.65 -13.00 -6.40
CA THR A 85 -15.67 -11.98 -6.30
C THR A 85 -16.40 -12.14 -4.99
N ASP A 86 -16.69 -13.38 -4.63
CA ASP A 86 -17.42 -13.65 -3.39
C ASP A 86 -16.70 -13.20 -2.13
N VAL A 87 -15.57 -13.82 -1.87
CA VAL A 87 -14.78 -13.49 -0.70
C VAL A 87 -14.40 -12.01 -0.56
N ASN A 88 -14.06 -11.37 -1.68
CA ASN A 88 -13.66 -9.98 -1.65
C ASN A 88 -14.85 -9.05 -1.42
N ASN A 89 -16.01 -9.42 -1.96
CA ASN A 89 -17.20 -8.61 -1.76
C ASN A 89 -17.56 -8.73 -0.28
N GLN A 90 -17.44 -9.94 0.26
CA GLN A 90 -17.72 -10.18 1.67
C GLN A 90 -16.75 -9.36 2.50
N PHE A 91 -15.46 -9.41 2.14
CA PHE A 91 -14.40 -8.67 2.81
C PHE A 91 -14.79 -7.20 2.90
N LYS A 92 -15.00 -6.59 1.74
CA LYS A 92 -15.40 -5.19 1.64
C LYS A 92 -16.55 -4.88 2.59
N LYS A 93 -17.50 -5.82 2.65
CA LYS A 93 -18.67 -5.66 3.50
C LYS A 93 -18.41 -5.85 5.00
N VAL A 94 -17.27 -6.40 5.38
CA VAL A 94 -17.04 -6.66 6.78
C VAL A 94 -15.83 -5.96 7.41
N VAL A 95 -14.90 -5.50 6.60
CA VAL A 95 -13.72 -4.87 7.15
C VAL A 95 -13.86 -3.41 7.61
N PRO A 96 -14.70 -2.59 6.97
CA PRO A 96 -14.79 -1.21 7.44
C PRO A 96 -15.22 -1.09 8.91
N ASP A 97 -16.26 -1.83 9.33
CA ASP A 97 -16.73 -1.76 10.70
C ASP A 97 -15.64 -2.16 11.69
N LEU A 98 -14.92 -3.25 11.38
CA LEU A 98 -13.87 -3.72 12.24
C LEU A 98 -12.77 -2.68 12.43
N ALA A 99 -12.37 -2.03 11.35
CA ALA A 99 -11.33 -1.01 11.43
C ALA A 99 -11.81 0.24 12.19
N GLN A 100 -13.08 0.58 12.02
CA GLN A 100 -13.67 1.73 12.68
C GLN A 100 -13.66 1.46 14.18
N GLN A 101 -14.00 0.23 14.52
CA GLN A 101 -14.07 -0.21 15.89
C GLN A 101 -12.69 -0.08 16.56
N ALA A 102 -11.68 -0.60 15.90
CA ALA A 102 -10.33 -0.54 16.43
C ALA A 102 -9.91 0.92 16.58
N CYS A 103 -10.00 1.67 15.49
CA CYS A 103 -9.62 3.10 15.47
C CYS A 103 -10.31 3.87 16.59
N LEU A 104 -11.61 3.65 16.74
CA LEU A 104 -12.38 4.32 17.77
C LEU A 104 -11.72 4.02 19.12
N ARG A 105 -11.55 2.74 19.42
CA ARG A 105 -10.93 2.32 20.67
C ARG A 105 -9.52 2.84 20.87
N ALA A 106 -8.75 2.90 19.78
CA ALA A 106 -7.38 3.37 19.83
C ALA A 106 -7.37 4.87 20.04
N LEU A 107 -8.44 5.53 19.63
CA LEU A 107 -8.54 6.96 19.78
C LEU A 107 -8.83 7.34 21.22
N LYS A 108 -9.73 6.63 21.86
CA LYS A 108 -10.04 6.93 23.24
C LYS A 108 -8.85 6.56 24.12
N ASP A 109 -8.21 5.45 23.80
CA ASP A 109 -7.05 5.05 24.59
C ASP A 109 -5.97 6.13 24.49
N TRP A 110 -5.86 6.74 23.33
CA TRP A 110 -4.89 7.80 23.08
C TRP A 110 -5.21 8.98 23.99
N GLY A 111 -6.48 9.33 24.05
CA GLY A 111 -6.91 10.44 24.88
C GLY A 111 -7.09 11.75 24.15
N GLY A 112 -6.26 12.00 23.16
CA GLY A 112 -6.33 13.25 22.41
C GLY A 112 -7.64 13.52 21.71
N ASP A 113 -7.73 14.68 21.06
CA ASP A 113 -8.91 15.07 20.30
C ASP A 113 -8.68 14.67 18.85
N LYS A 114 -9.60 13.87 18.31
CA LYS A 114 -9.50 13.36 16.95
C LYS A 114 -9.14 14.42 15.93
N GLY A 115 -9.47 15.67 16.22
CA GLY A 115 -9.15 16.74 15.28
C GLY A 115 -7.66 16.98 15.19
N ASP A 116 -6.89 16.43 16.12
CA ASP A 116 -5.44 16.60 16.13
C ASP A 116 -4.68 15.57 15.32
N ILE A 117 -5.37 14.54 14.84
CA ILE A 117 -4.71 13.50 14.04
C ILE A 117 -4.38 14.01 12.66
N THR A 118 -3.09 14.08 12.37
CA THR A 118 -2.59 14.58 11.10
C THR A 118 -2.54 13.53 10.01
N HIS A 119 -2.37 12.26 10.40
CA HIS A 119 -2.25 11.17 9.43
C HIS A 119 -3.11 9.97 9.75
N ILE A 120 -3.58 9.32 8.69
CA ILE A 120 -4.38 8.11 8.83
C ILE A 120 -3.75 7.06 7.90
N VAL A 121 -3.28 5.97 8.49
CA VAL A 121 -2.64 4.89 7.77
C VAL A 121 -3.42 3.58 7.84
N SER A 122 -3.84 3.10 6.68
CA SER A 122 -4.60 1.88 6.54
C SER A 122 -3.65 0.77 6.08
N VAL A 123 -3.83 -0.44 6.64
CA VAL A 123 -2.98 -1.60 6.32
C VAL A 123 -3.76 -2.93 6.20
N THR A 124 -3.52 -3.67 5.11
CA THR A 124 -4.16 -4.96 4.88
C THR A 124 -3.59 -5.63 3.64
N SER A 125 -3.80 -6.94 3.53
CA SER A 125 -3.32 -7.72 2.38
C SER A 125 -4.26 -8.88 2.15
N THR A 126 -5.37 -8.90 2.89
CA THR A 126 -6.36 -9.97 2.75
C THR A 126 -7.57 -9.59 1.91
N GLY A 127 -7.52 -8.43 1.28
CA GLY A 127 -8.64 -8.01 0.44
C GLY A 127 -8.35 -6.66 -0.18
N ILE A 128 -9.04 -6.35 -1.28
CA ILE A 128 -8.83 -5.08 -1.97
C ILE A 128 -10.06 -4.17 -1.92
N ILE A 129 -9.90 -3.03 -1.26
CA ILE A 129 -10.99 -2.06 -1.14
C ILE A 129 -10.55 -0.70 -1.68
N ILE A 130 -11.28 -0.22 -2.68
CA ILE A 130 -11.00 1.08 -3.28
C ILE A 130 -12.29 1.88 -3.37
N PRO A 131 -12.34 3.08 -2.78
CA PRO A 131 -11.31 3.78 -2.01
C PRO A 131 -10.85 2.93 -0.82
N ASP A 132 -9.58 3.04 -0.45
CA ASP A 132 -9.03 2.24 0.64
C ASP A 132 -9.66 2.53 2.00
N VAL A 133 -9.41 1.65 2.97
CA VAL A 133 -9.96 1.81 4.31
C VAL A 133 -9.66 3.16 4.98
N ASN A 134 -8.46 3.68 4.81
CA ASN A 134 -8.15 4.96 5.44
C ASN A 134 -9.04 6.10 4.98
N PHE A 135 -9.49 6.06 3.73
CA PHE A 135 -10.37 7.12 3.21
C PHE A 135 -11.76 6.98 3.81
N LYS A 136 -12.28 5.76 3.77
CA LYS A 136 -13.59 5.46 4.30
C LYS A 136 -13.75 5.87 5.77
N LEU A 137 -12.64 5.81 6.50
CA LEU A 137 -12.62 6.15 7.92
C LEU A 137 -12.66 7.65 8.20
N ILE A 138 -12.12 8.44 7.28
CA ILE A 138 -12.13 9.89 7.46
C ILE A 138 -13.52 10.36 7.88
N ASP A 139 -14.51 10.02 7.06
CA ASP A 139 -15.89 10.39 7.33
C ASP A 139 -16.52 9.62 8.49
N LEU A 140 -16.19 8.34 8.60
CA LEU A 140 -16.72 7.50 9.66
C LEU A 140 -16.31 8.02 11.02
N LEU A 141 -15.03 8.34 11.17
CA LEU A 141 -14.52 8.83 12.44
C LEU A 141 -14.68 10.32 12.57
N GLY A 142 -14.98 10.99 11.46
CA GLY A 142 -15.16 12.42 11.49
C GLY A 142 -13.83 13.13 11.71
N LEU A 143 -12.80 12.66 11.02
CA LEU A 143 -11.50 13.26 11.12
C LEU A 143 -11.46 14.45 10.16
N ASN A 144 -10.38 15.21 10.20
CA ASN A 144 -10.22 16.34 9.32
C ASN A 144 -10.23 15.82 7.87
N LYS A 145 -11.08 16.40 7.04
CA LYS A 145 -11.18 16.01 5.63
C LYS A 145 -9.83 16.08 4.93
N ASP A 146 -8.93 16.89 5.47
CA ASP A 146 -7.60 17.06 4.87
C ASP A 146 -6.54 16.12 5.43
N VAL A 147 -6.88 15.38 6.49
CA VAL A 147 -5.94 14.45 7.09
C VAL A 147 -5.22 13.69 5.99
N GLU A 148 -3.90 13.53 6.14
CA GLU A 148 -3.08 12.84 5.15
C GLU A 148 -3.26 11.33 5.14
N ARG A 149 -3.52 10.79 3.96
CA ARG A 149 -3.73 9.35 3.78
C ARG A 149 -2.51 8.56 3.30
N VAL A 150 -2.39 7.34 3.82
CA VAL A 150 -1.30 6.43 3.48
C VAL A 150 -1.85 5.01 3.42
N SER A 151 -1.78 4.36 2.24
CA SER A 151 -2.28 2.98 2.11
C SER A 151 -1.15 1.94 2.05
N LEU A 152 -0.75 1.40 3.21
CA LEU A 152 0.30 0.38 3.24
C LEU A 152 -0.33 -0.99 3.02
N ASN A 153 -0.53 -1.37 1.76
CA ASN A 153 -1.14 -2.66 1.47
C ASN A 153 -0.24 -3.61 0.68
N LEU A 154 -0.51 -4.91 0.83
CA LEU A 154 0.23 -5.95 0.12
C LEU A 154 1.60 -6.24 0.70
N MET A 155 1.79 -6.00 2.00
CA MET A 155 3.08 -6.27 2.62
C MET A 155 3.04 -7.58 3.38
N GLY A 156 1.85 -8.14 3.55
CA GLY A 156 1.72 -9.40 4.24
C GLY A 156 1.73 -9.36 5.75
N CYS A 157 1.99 -10.52 6.35
CA CYS A 157 2.02 -10.65 7.80
C CYS A 157 2.93 -9.67 8.51
N LEU A 158 4.00 -9.24 7.85
CA LEU A 158 4.92 -8.31 8.50
C LEU A 158 4.46 -6.85 8.51
N ALA A 159 3.38 -6.56 7.77
CA ALA A 159 2.86 -5.22 7.70
C ALA A 159 2.66 -4.61 9.09
N GLY A 160 2.58 -5.45 10.11
CA GLY A 160 2.41 -4.93 11.45
C GLY A 160 3.53 -3.95 11.79
N LEU A 161 4.77 -4.42 11.72
CA LEU A 161 5.91 -3.58 12.01
C LEU A 161 6.27 -2.64 10.87
N SER A 162 5.82 -2.96 9.65
CA SER A 162 6.10 -2.09 8.51
C SER A 162 5.48 -0.72 8.76
N SER A 163 4.25 -0.73 9.26
CA SER A 163 3.55 0.51 9.55
C SER A 163 4.19 1.24 10.73
N LEU A 164 4.48 0.51 11.82
CA LEU A 164 5.11 1.12 12.99
C LEU A 164 6.36 1.83 12.51
N ARG A 165 7.15 1.12 11.72
CA ARG A 165 8.39 1.65 11.17
C ARG A 165 8.13 2.92 10.37
N THR A 166 7.25 2.84 9.37
CA THR A 166 6.93 3.99 8.54
C THR A 166 6.28 5.11 9.34
N ALA A 167 5.23 4.79 10.10
CA ALA A 167 4.55 5.82 10.87
C ALA A 167 5.53 6.49 11.85
N ALA A 168 6.64 5.82 12.16
CA ALA A 168 7.61 6.41 13.07
C ALA A 168 8.29 7.59 12.41
N SER A 169 8.88 7.34 11.24
CA SER A 169 9.56 8.39 10.49
C SER A 169 8.58 9.53 10.24
N LEU A 170 7.36 9.16 9.87
CA LEU A 170 6.30 10.13 9.62
C LEU A 170 6.18 11.02 10.84
N ALA A 171 6.10 10.39 12.00
CA ALA A 171 5.99 11.10 13.26
C ALA A 171 7.18 12.02 13.48
N LYS A 172 8.34 11.62 12.96
CA LYS A 172 9.56 12.40 13.15
C LYS A 172 9.77 13.50 12.11
N ALA A 173 8.81 13.68 11.22
CA ALA A 173 8.92 14.73 10.22
C ALA A 173 8.38 16.04 10.79
N SER A 174 7.72 15.93 11.95
CA SER A 174 7.14 17.08 12.65
C SER A 174 6.45 16.68 13.95
N PRO A 175 6.66 17.46 15.04
CA PRO A 175 6.07 17.20 16.35
C PRO A 175 4.57 17.47 16.33
N ARG A 176 4.13 18.12 15.26
CA ARG A 176 2.73 18.45 15.07
C ARG A 176 1.93 17.18 14.74
N ASN A 177 2.59 16.26 14.05
CA ASN A 177 2.00 15.02 13.61
C ASN A 177 1.54 14.03 14.67
N ARG A 178 0.39 13.42 14.39
CA ARG A 178 -0.22 12.41 15.24
C ARG A 178 -0.86 11.43 14.26
N ILE A 179 -0.09 10.40 13.93
CA ILE A 179 -0.50 9.37 12.98
C ILE A 179 -1.33 8.24 13.57
N LEU A 180 -2.51 8.01 12.99
CA LEU A 180 -3.40 6.94 13.40
C LEU A 180 -3.20 5.77 12.42
N VAL A 181 -2.93 4.58 12.93
CA VAL A 181 -2.70 3.43 12.06
C VAL A 181 -3.66 2.27 12.36
N VAL A 182 -4.21 1.67 11.31
CA VAL A 182 -5.13 0.55 11.45
C VAL A 182 -4.69 -0.61 10.57
N CYS A 183 -4.42 -1.75 11.18
CA CYS A 183 -4.04 -2.94 10.43
C CYS A 183 -5.20 -3.89 10.65
N THR A 184 -5.90 -4.22 9.57
CA THR A 184 -7.03 -5.10 9.68
C THR A 184 -6.97 -6.15 8.56
N GLU A 185 -7.06 -7.41 8.95
CA GLU A 185 -6.96 -8.52 8.00
C GLU A 185 -8.03 -9.57 8.28
N VAL A 186 -8.61 -10.13 7.22
CA VAL A 186 -9.63 -11.17 7.34
C VAL A 186 -9.22 -12.37 6.51
N CYS A 187 -8.71 -13.39 7.19
CA CYS A 187 -8.24 -14.62 6.54
C CYS A 187 -9.25 -15.76 6.44
N SER A 188 -10.13 -15.88 7.41
CA SER A 188 -11.11 -16.95 7.43
C SER A 188 -11.87 -17.08 6.13
N LEU A 189 -12.03 -15.98 5.42
CA LEU A 189 -12.75 -15.99 4.15
C LEU A 189 -12.00 -16.79 3.10
N HIS A 190 -10.71 -16.98 3.30
CA HIS A 190 -9.91 -17.64 2.30
C HIS A 190 -9.43 -19.07 2.51
N PHE A 191 -9.87 -19.74 3.58
CA PHE A 191 -9.43 -21.12 3.79
C PHE A 191 -9.69 -22.01 2.58
N SER A 192 -8.80 -22.97 2.35
CA SER A 192 -8.95 -23.87 1.23
C SER A 192 -8.78 -25.32 1.62
N ASN A 193 -9.51 -26.21 0.97
CA ASN A 193 -9.38 -27.63 1.28
C ASN A 193 -8.75 -28.28 0.06
N THR A 194 -7.74 -27.63 -0.51
CA THR A 194 -7.12 -28.21 -1.70
C THR A 194 -5.95 -29.09 -1.35
N ASP A 195 -4.88 -29.02 -2.10
CA ASP A 195 -3.92 -29.94 -1.64
C ASP A 195 -2.55 -29.75 -1.13
N GLY A 196 -2.26 -30.24 0.06
CA GLY A 196 -0.96 -30.13 0.61
C GLY A 196 -1.16 -29.60 2.00
N GLY A 197 -0.16 -29.89 2.81
CA GLY A 197 -0.18 -29.52 4.20
C GLY A 197 -0.36 -28.05 4.49
N ASP A 198 0.32 -27.15 3.77
CA ASP A 198 0.20 -25.73 4.07
C ASP A 198 -1.25 -25.26 4.07
N GLN A 199 -2.08 -25.92 3.26
CA GLN A 199 -3.50 -25.57 3.19
C GLN A 199 -4.17 -25.92 4.52
N MET A 200 -3.89 -27.13 5.02
CA MET A 200 -4.44 -27.61 6.29
C MET A 200 -3.94 -26.71 7.43
N VAL A 201 -2.63 -26.43 7.45
CA VAL A 201 -2.03 -25.59 8.48
C VAL A 201 -2.71 -24.22 8.52
N ALA A 202 -2.74 -23.58 7.37
CA ALA A 202 -3.32 -22.26 7.24
C ALA A 202 -4.73 -22.23 7.81
N SER A 203 -5.47 -23.31 7.61
CA SER A 203 -6.83 -23.38 8.12
C SER A 203 -6.84 -23.62 9.62
N SER A 204 -5.67 -23.91 10.19
CA SER A 204 -5.60 -24.15 11.63
C SER A 204 -5.05 -22.98 12.42
N ILE A 205 -4.29 -22.09 11.78
CA ILE A 205 -3.69 -20.96 12.50
C ILE A 205 -4.15 -19.53 12.22
N PHE A 206 -4.67 -19.28 11.01
CA PHE A 206 -5.10 -17.92 10.66
C PHE A 206 -6.45 -17.52 11.22
N ALA A 207 -6.57 -16.25 11.58
CA ALA A 207 -7.81 -15.70 12.14
C ALA A 207 -7.94 -14.27 11.64
N ASP A 208 -9.07 -13.63 11.97
CA ASP A 208 -9.34 -12.25 11.54
C ASP A 208 -9.32 -11.26 12.69
N GLY A 209 -8.91 -10.04 12.40
CA GLY A 209 -8.87 -9.03 13.44
C GLY A 209 -8.40 -7.68 12.93
N SER A 210 -8.51 -6.68 13.80
CA SER A 210 -8.12 -5.31 13.46
C SER A 210 -7.52 -4.67 14.69
N ALA A 211 -6.41 -3.97 14.50
CA ALA A 211 -5.73 -3.30 15.59
C ALA A 211 -5.29 -1.92 15.13
N ALA A 212 -5.49 -0.92 15.97
CA ALA A 212 -5.09 0.44 15.61
C ALA A 212 -4.28 1.09 16.74
N TYR A 213 -3.44 2.06 16.39
CA TYR A 213 -2.65 2.75 17.39
C TYR A 213 -2.34 4.20 16.96
N ILE A 214 -2.14 5.07 17.95
CA ILE A 214 -1.79 6.46 17.67
C ILE A 214 -0.29 6.59 17.96
N ILE A 215 0.42 7.35 17.13
CA ILE A 215 1.86 7.50 17.32
C ILE A 215 2.32 8.92 17.02
N GLY A 216 3.29 9.42 17.77
CA GLY A 216 3.79 10.77 17.54
C GLY A 216 5.03 11.10 18.33
N CYS A 217 5.62 12.27 18.08
CA CYS A 217 6.82 12.68 18.79
C CYS A 217 6.52 13.75 19.82
N ASN A 218 7.40 13.86 20.82
CA ASN A 218 7.21 14.85 21.85
C ASN A 218 5.84 14.69 22.47
N PRO A 219 5.70 13.74 23.40
CA PRO A 219 4.40 13.52 24.04
C PRO A 219 3.86 14.84 24.59
N ARG A 220 2.54 14.96 24.63
CA ARG A 220 1.91 16.17 25.12
C ARG A 220 1.33 16.02 26.53
N ILE A 221 1.03 17.16 27.16
CA ILE A 221 0.51 17.24 28.52
C ILE A 221 -0.52 16.20 28.95
N GLU A 222 -1.50 15.94 28.09
CA GLU A 222 -2.55 14.98 28.45
C GLU A 222 -2.39 13.60 27.83
N GLU A 223 -1.25 13.39 27.17
CA GLU A 223 -0.99 12.10 26.56
C GLU A 223 -0.19 11.24 27.52
N THR A 224 -0.54 9.95 27.56
CA THR A 224 0.15 9.02 28.43
C THR A 224 0.78 7.90 27.59
N PRO A 225 2.04 8.09 27.17
CA PRO A 225 2.84 7.17 26.35
C PRO A 225 2.84 5.72 26.81
N LEU A 226 2.86 4.81 25.84
CA LEU A 226 2.84 3.38 26.10
C LEU A 226 4.19 2.72 25.81
N TYR A 227 4.78 3.04 24.66
CA TYR A 227 6.08 2.47 24.28
C TYR A 227 6.91 3.53 23.59
N GLU A 228 8.21 3.51 23.85
CA GLU A 228 9.09 4.46 23.19
C GLU A 228 9.79 3.71 22.08
N VAL A 229 9.41 3.96 20.84
CA VAL A 229 10.04 3.29 19.72
C VAL A 229 11.38 3.94 19.39
N MET A 230 12.43 3.34 19.95
CA MET A 230 13.78 3.85 19.77
C MET A 230 14.31 3.68 18.37
N CYS A 231 14.13 2.50 17.81
CA CYS A 231 14.58 2.25 16.44
C CYS A 231 13.95 0.98 15.91
N SER A 232 13.92 0.85 14.59
CA SER A 232 13.34 -0.32 13.96
C SER A 232 13.98 -0.53 12.62
N ILE A 233 14.14 -1.79 12.22
CA ILE A 233 14.79 -2.14 10.96
C ILE A 233 14.03 -3.22 10.20
N ASN A 234 14.55 -3.58 9.04
CA ASN A 234 13.96 -4.66 8.24
C ASN A 234 15.04 -5.31 7.39
N ARG A 235 14.84 -6.58 7.06
CA ARG A 235 15.82 -7.31 6.27
C ARG A 235 15.12 -8.08 5.15
N SER A 236 15.80 -8.21 4.02
CA SER A 236 15.25 -8.97 2.91
C SER A 236 16.19 -10.14 2.62
N PHE A 237 15.62 -11.27 2.22
CA PHE A 237 16.43 -12.45 1.90
C PHE A 237 16.25 -12.90 0.46
N PRO A 238 17.32 -12.85 -0.34
CA PRO A 238 17.28 -13.26 -1.75
C PRO A 238 16.92 -14.73 -1.95
N ASN A 239 16.45 -15.04 -3.15
CA ASN A 239 16.09 -16.40 -3.55
C ASN A 239 15.11 -17.10 -2.60
N THR A 240 14.06 -16.40 -2.17
CA THR A 240 13.07 -17.00 -1.27
C THR A 240 11.68 -16.44 -1.52
N GLU A 241 11.50 -15.80 -2.67
CA GLU A 241 10.22 -15.21 -2.96
C GLU A 241 9.08 -16.22 -2.95
N ASN A 242 9.39 -17.48 -3.19
CA ASN A 242 8.35 -18.51 -3.19
C ASN A 242 8.07 -19.17 -1.84
N ALA A 243 8.78 -18.76 -0.81
CA ALA A 243 8.57 -19.30 0.53
C ALA A 243 7.13 -19.10 0.97
N MET A 244 6.59 -17.94 0.66
CA MET A 244 5.21 -17.62 1.01
C MET A 244 4.47 -17.11 -0.22
N VAL A 245 3.38 -17.77 -0.58
CA VAL A 245 2.62 -17.36 -1.74
C VAL A 245 1.21 -16.90 -1.34
N TRP A 246 0.74 -15.88 -2.03
CA TRP A 246 -0.57 -15.32 -1.84
C TRP A 246 -0.92 -14.78 -3.23
N ASP A 247 -1.35 -15.67 -4.12
CA ASP A 247 -1.68 -15.28 -5.49
C ASP A 247 -3.14 -14.96 -5.75
N LEU A 248 -3.38 -13.90 -6.52
CA LEU A 248 -4.72 -13.48 -6.86
C LEU A 248 -5.20 -14.30 -8.05
N GLU A 249 -6.25 -15.09 -7.84
CA GLU A 249 -6.78 -15.93 -8.91
C GLU A 249 -8.31 -15.89 -8.90
N LYS A 250 -8.92 -16.22 -10.03
CA LYS A 250 -10.38 -16.19 -10.11
C LYS A 250 -11.08 -16.95 -8.98
N GLU A 251 -10.53 -18.10 -8.60
CA GLU A 251 -11.12 -18.92 -7.54
C GLU A 251 -11.00 -18.30 -6.15
N GLY A 252 -10.07 -17.34 -6.02
CA GLY A 252 -9.81 -16.68 -4.75
C GLY A 252 -8.30 -16.57 -4.57
N TRP A 253 -7.83 -16.23 -3.38
CA TRP A 253 -6.39 -16.12 -3.19
C TRP A 253 -5.73 -17.49 -3.02
N ASN A 254 -4.66 -17.74 -3.78
CA ASN A 254 -3.94 -19.01 -3.70
C ASN A 254 -2.79 -18.94 -2.71
N LEU A 255 -2.97 -19.58 -1.56
CA LEU A 255 -1.91 -19.58 -0.53
C LEU A 255 -0.82 -20.68 -0.70
N GLY A 256 0.38 -20.38 -0.22
CA GLY A 256 1.50 -21.31 -0.28
C GLY A 256 2.54 -20.98 0.77
N LEU A 257 2.70 -21.90 1.72
CA LEU A 257 3.65 -21.79 2.82
C LEU A 257 4.67 -22.93 2.79
N ASP A 258 5.93 -22.58 2.52
CA ASP A 258 7.03 -23.54 2.44
C ASP A 258 7.38 -24.15 3.80
N ALA A 259 7.64 -25.45 3.83
CA ALA A 259 7.99 -26.14 5.09
C ALA A 259 9.27 -25.62 5.71
N SER A 260 10.06 -24.91 4.90
CA SER A 260 11.35 -24.36 5.35
C SER A 260 11.21 -23.05 6.11
N ILE A 261 10.07 -22.39 5.98
CA ILE A 261 9.86 -21.13 6.66
C ILE A 261 10.36 -21.11 8.11
N PRO A 262 9.87 -22.02 8.96
CA PRO A 262 10.29 -22.05 10.36
C PRO A 262 11.78 -21.95 10.57
N ILE A 263 12.48 -22.93 10.00
CA ILE A 263 13.92 -22.99 10.12
C ILE A 263 14.66 -21.84 9.42
N VAL A 264 14.13 -21.35 8.31
CA VAL A 264 14.78 -20.24 7.63
C VAL A 264 14.71 -19.05 8.60
N ILE A 265 13.65 -18.99 9.42
CA ILE A 265 13.54 -17.89 10.38
C ILE A 265 14.52 -18.14 11.52
N GLY A 266 14.45 -19.34 12.11
CA GLY A 266 15.34 -19.66 13.21
C GLY A 266 16.80 -19.43 12.88
N SER A 267 17.19 -19.78 11.65
CA SER A 267 18.59 -19.61 11.31
C SER A 267 19.04 -18.18 10.99
N GLY A 268 18.09 -17.29 10.70
CA GLY A 268 18.48 -15.92 10.38
C GLY A 268 18.10 -14.90 11.45
N ILE A 269 17.33 -15.35 12.43
CA ILE A 269 16.85 -14.47 13.48
C ILE A 269 17.94 -13.81 14.35
N GLU A 270 18.93 -14.59 14.79
CA GLU A 270 19.98 -14.05 15.65
C GLU A 270 20.77 -12.93 15.03
N ALA A 271 21.31 -13.17 13.83
CA ALA A 271 22.08 -12.15 13.15
C ALA A 271 21.26 -10.88 13.00
N PHE A 272 19.96 -11.06 12.73
CA PHE A 272 19.04 -9.96 12.57
C PHE A 272 18.85 -9.20 13.89
N VAL A 273 18.55 -9.92 14.96
CA VAL A 273 18.36 -9.31 16.27
C VAL A 273 19.63 -8.59 16.69
N ASP A 274 20.76 -9.03 16.15
CA ASP A 274 22.04 -8.40 16.46
C ASP A 274 22.13 -7.06 15.76
N THR A 275 21.68 -6.99 14.52
CA THR A 275 21.74 -5.74 13.79
C THR A 275 20.83 -4.71 14.46
N LEU A 276 19.71 -5.16 15.01
CA LEU A 276 18.78 -4.27 15.70
C LEU A 276 19.36 -3.75 17.01
N LEU A 277 20.00 -4.65 17.76
CA LEU A 277 20.62 -4.29 19.04
C LEU A 277 21.74 -3.26 18.94
N ASP A 278 22.52 -3.31 17.86
CA ASP A 278 23.62 -2.38 17.67
C ASP A 278 23.09 -0.97 17.41
N LYS A 279 21.93 -0.90 16.76
CA LYS A 279 21.29 0.37 16.46
C LYS A 279 20.75 0.94 17.75
N ALA A 280 20.27 0.06 18.61
CA ALA A 280 19.71 0.48 19.88
C ALA A 280 20.83 1.02 20.76
N LYS A 281 21.95 0.31 20.80
CA LYS A 281 23.10 0.70 21.62
C LYS A 281 23.67 2.06 21.25
N LEU A 282 23.16 2.65 20.17
CA LEU A 282 23.60 3.97 19.74
C LEU A 282 22.93 5.03 20.59
N GLN A 283 21.95 4.62 21.38
CA GLN A 283 21.23 5.55 22.25
C GLN A 283 21.41 5.11 23.69
N THR A 284 21.04 3.87 23.98
CA THR A 284 21.18 3.35 25.33
C THR A 284 22.56 2.73 25.49
N SER A 285 23.58 3.54 25.67
CA SER A 285 24.92 3.00 25.86
C SER A 285 24.92 2.10 27.10
N THR A 286 24.41 0.88 26.95
CA THR A 286 24.34 -0.09 28.04
C THR A 286 24.30 -1.51 27.45
N ALA A 287 24.87 -1.64 26.25
CA ALA A 287 24.94 -2.90 25.51
C ALA A 287 23.85 -3.88 25.92
N ILE A 288 22.63 -3.57 25.53
CA ILE A 288 21.47 -4.40 25.84
C ILE A 288 21.72 -5.83 25.43
N SER A 289 21.09 -6.75 26.13
CA SER A 289 21.30 -8.16 25.87
C SER A 289 20.25 -8.95 25.13
N ALA A 290 18.98 -8.59 25.13
CA ALA A 290 17.96 -9.39 24.43
C ALA A 290 17.49 -10.47 25.40
N LYS A 291 18.41 -10.94 26.24
CA LYS A 291 18.06 -11.94 27.23
C LYS A 291 17.33 -11.19 28.33
N ASP A 292 17.48 -9.86 28.31
CA ASP A 292 16.83 -9.00 29.29
C ASP A 292 15.63 -8.32 28.68
N CYS A 293 15.37 -8.58 27.40
CA CYS A 293 14.25 -7.93 26.72
C CYS A 293 12.97 -8.76 26.64
N GLU A 294 11.84 -8.07 26.66
CA GLU A 294 10.54 -8.71 26.54
C GLU A 294 10.38 -8.94 25.05
N PHE A 295 9.88 -10.10 24.66
CA PHE A 295 9.70 -10.38 23.24
C PHE A 295 8.27 -10.33 22.77
N LEU A 296 8.00 -9.33 21.93
CA LEU A 296 6.67 -9.08 21.36
C LEU A 296 6.76 -9.52 19.90
N ILE A 297 6.56 -10.82 19.70
CA ILE A 297 6.66 -11.43 18.38
C ILE A 297 5.32 -11.65 17.71
N HIS A 298 5.31 -11.41 16.40
CA HIS A 298 4.13 -11.63 15.56
C HIS A 298 3.75 -13.09 15.75
N THR A 299 2.53 -13.34 16.21
CA THR A 299 2.08 -14.71 16.43
C THR A 299 1.79 -15.50 15.16
N GLY A 300 2.83 -15.77 14.37
CA GLY A 300 2.66 -16.50 13.13
C GLY A 300 2.31 -17.97 13.23
N GLY A 301 2.86 -18.65 14.23
CA GLY A 301 2.60 -20.07 14.43
C GLY A 301 3.49 -20.62 15.52
N LYS A 302 3.14 -21.80 16.06
CA LYS A 302 3.93 -22.39 17.14
C LYS A 302 5.37 -22.77 16.75
N SER A 303 5.52 -23.37 15.56
CA SER A 303 6.83 -23.78 15.09
C SER A 303 7.70 -22.56 14.97
N ILE A 304 7.19 -21.49 14.38
CA ILE A 304 7.98 -20.27 14.23
C ILE A 304 8.40 -19.69 15.58
N LEU A 305 7.46 -19.55 16.50
CA LEU A 305 7.73 -19.00 17.83
C LEU A 305 8.79 -19.80 18.61
N MET A 306 8.66 -21.12 18.60
CA MET A 306 9.60 -21.96 19.30
C MET A 306 11.00 -21.92 18.68
N ASN A 307 11.08 -21.88 17.35
CA ASN A 307 12.37 -21.85 16.69
C ASN A 307 13.11 -20.59 17.09
N ILE A 308 12.38 -19.47 17.15
CA ILE A 308 12.98 -18.20 17.52
C ILE A 308 13.44 -18.27 18.97
N GLU A 309 12.60 -18.83 19.84
CA GLU A 309 13.00 -18.97 21.26
C GLU A 309 14.29 -19.80 21.48
N ASN A 310 14.46 -20.85 20.70
CA ASN A 310 15.63 -21.72 20.79
C ASN A 310 16.88 -21.06 20.21
N SER A 311 16.73 -20.43 19.06
CA SER A 311 17.83 -19.75 18.40
C SER A 311 18.40 -18.60 19.22
N LEU A 312 17.53 -17.81 19.83
CA LEU A 312 17.99 -16.68 20.65
C LEU A 312 18.21 -17.18 22.07
N GLY A 313 17.85 -18.43 22.30
CA GLY A 313 18.02 -19.02 23.62
C GLY A 313 17.41 -18.14 24.69
N ILE A 314 16.20 -17.66 24.45
CA ILE A 314 15.51 -16.82 25.42
C ILE A 314 14.62 -17.65 26.36
N ASP A 315 14.18 -17.02 27.44
CA ASP A 315 13.34 -17.66 28.44
C ASP A 315 11.83 -17.47 28.18
N PRO A 316 11.01 -18.47 28.55
CA PRO A 316 9.55 -18.38 28.35
C PRO A 316 8.95 -17.11 28.96
N LYS A 317 9.60 -16.59 30.00
CA LYS A 317 9.10 -15.37 30.64
C LYS A 317 9.12 -14.17 29.72
N GLN A 318 10.09 -14.12 28.80
CA GLN A 318 10.22 -13.00 27.88
C GLN A 318 9.26 -13.08 26.68
N THR A 319 8.54 -14.20 26.51
CA THR A 319 7.63 -14.32 25.37
C THR A 319 6.25 -14.78 25.83
N LYS A 320 5.98 -14.62 27.11
CA LYS A 320 4.71 -15.01 27.66
C LYS A 320 3.56 -14.22 27.03
N ASN A 321 3.73 -12.90 26.94
CA ASN A 321 2.69 -12.03 26.38
C ASN A 321 2.29 -12.39 24.96
N THR A 322 3.25 -12.70 24.11
CA THR A 322 2.95 -13.06 22.73
C THR A 322 2.27 -14.43 22.66
N TRP A 323 2.61 -15.34 23.58
CA TRP A 323 1.97 -16.66 23.56
C TRP A 323 0.54 -16.56 24.07
N ASP A 324 0.23 -15.54 24.85
CA ASP A 324 -1.13 -15.38 25.34
C ASP A 324 -1.96 -14.99 24.11
N VAL A 325 -1.44 -14.03 23.35
CA VAL A 325 -2.10 -13.56 22.12
C VAL A 325 -2.27 -14.71 21.13
N TYR A 326 -1.20 -15.46 20.89
CA TYR A 326 -1.29 -16.57 19.96
C TYR A 326 -2.28 -17.63 20.40
N HIS A 327 -2.33 -17.95 21.69
CA HIS A 327 -3.25 -18.97 22.18
C HIS A 327 -4.71 -18.59 22.00
N ALA A 328 -5.01 -17.30 22.17
CA ALA A 328 -6.37 -16.79 22.09
C ALA A 328 -6.83 -16.16 20.76
N TYR A 329 -5.92 -15.95 19.83
CA TYR A 329 -6.29 -15.34 18.56
C TYR A 329 -5.67 -16.01 17.33
N GLY A 330 -4.53 -16.66 17.53
CA GLY A 330 -3.86 -17.30 16.42
C GLY A 330 -3.09 -16.28 15.60
N ASN A 331 -3.03 -16.49 14.30
CA ASN A 331 -2.31 -15.57 13.41
C ASN A 331 -3.28 -14.67 12.64
N MET A 332 -3.32 -13.38 12.99
CA MET A 332 -4.21 -12.43 12.33
C MET A 332 -3.41 -11.54 11.39
N SER A 333 -2.38 -12.13 10.78
CA SER A 333 -1.51 -11.41 9.85
C SER A 333 -0.98 -10.13 10.51
N SER A 334 -0.88 -9.07 9.72
CA SER A 334 -0.37 -7.79 10.21
C SER A 334 -0.79 -7.35 11.60
N ALA A 335 -2.06 -7.53 11.95
CA ALA A 335 -2.55 -7.09 13.28
C ALA A 335 -1.99 -7.82 14.50
N SER A 336 -1.76 -9.12 14.36
CA SER A 336 -1.24 -9.97 15.44
C SER A 336 -0.15 -9.32 16.32
N VAL A 337 0.73 -8.55 15.68
CA VAL A 337 1.83 -7.85 16.37
C VAL A 337 1.26 -6.84 17.34
N ILE A 338 0.49 -5.91 16.77
CA ILE A 338 -0.16 -4.86 17.54
C ILE A 338 -0.99 -5.46 18.68
N PHE A 339 -1.74 -6.53 18.41
CA PHE A 339 -2.55 -7.17 19.44
C PHE A 339 -1.68 -7.52 20.64
N VAL A 340 -0.49 -8.08 20.37
CA VAL A 340 0.44 -8.45 21.42
C VAL A 340 0.90 -7.21 22.18
N MET A 341 1.29 -6.16 21.46
CA MET A 341 1.72 -4.93 22.11
C MET A 341 0.64 -4.41 23.06
N ASP A 342 -0.62 -4.47 22.64
CA ASP A 342 -1.73 -4.01 23.46
C ASP A 342 -1.78 -4.77 24.78
N HIS A 343 -1.97 -6.08 24.69
CA HIS A 343 -2.05 -6.92 25.88
C HIS A 343 -0.78 -6.88 26.74
N ALA A 344 0.35 -6.52 26.15
CA ALA A 344 1.61 -6.47 26.88
C ALA A 344 1.72 -5.26 27.81
N ARG A 345 1.20 -4.11 27.36
CA ARG A 345 1.25 -2.91 28.17
C ARG A 345 0.25 -2.99 29.32
N LYS A 346 -0.57 -4.04 29.30
CA LYS A 346 -1.53 -4.25 30.36
C LYS A 346 -0.82 -4.96 31.52
N SER A 347 0.32 -5.58 31.21
CA SER A 347 1.10 -6.28 32.22
C SER A 347 1.73 -5.26 33.17
N LYS A 348 2.02 -5.69 34.39
CA LYS A 348 2.61 -4.79 35.36
C LYS A 348 4.06 -5.17 35.69
N SER A 349 4.65 -6.06 34.89
CA SER A 349 6.02 -6.53 35.11
C SER A 349 6.87 -6.51 33.85
N LEU A 350 6.81 -5.37 33.17
CA LEU A 350 7.56 -5.26 31.94
C LEU A 350 8.95 -4.72 32.10
N PRO A 351 9.97 -5.45 31.60
CA PRO A 351 11.39 -5.12 31.65
C PRO A 351 11.60 -3.63 31.26
N THR A 352 12.83 -3.17 30.97
CA THR A 352 12.94 -1.78 30.60
C THR A 352 12.84 -1.66 29.09
N TYR A 353 13.04 -2.78 28.41
CA TYR A 353 13.01 -2.81 26.96
C TYR A 353 12.25 -3.98 26.34
N SER A 354 11.92 -3.86 25.05
CA SER A 354 11.22 -4.91 24.31
C SER A 354 11.73 -5.03 22.88
N ILE A 355 11.78 -6.27 22.39
CA ILE A 355 12.20 -6.52 21.03
C ILE A 355 10.97 -7.05 20.30
N SER A 356 10.61 -6.42 19.19
CA SER A 356 9.47 -6.88 18.41
C SER A 356 9.93 -7.41 17.07
N LEU A 357 9.43 -8.58 16.71
CA LEU A 357 9.81 -9.21 15.46
C LEU A 357 8.58 -9.56 14.62
N ALA A 358 8.75 -9.58 13.32
CA ALA A 358 7.70 -9.93 12.40
C ALA A 358 8.36 -10.36 11.11
N PHE A 359 7.72 -11.27 10.38
CA PHE A 359 8.29 -11.77 9.14
C PHE A 359 7.15 -12.01 8.20
N GLY A 360 7.47 -11.93 6.90
CA GLY A 360 6.45 -12.16 5.89
C GLY A 360 7.00 -12.38 4.51
N PRO A 361 6.11 -12.33 3.51
CA PRO A 361 6.50 -12.52 2.11
C PRO A 361 7.81 -11.80 1.67
N GLY A 362 8.62 -12.47 0.87
CA GLY A 362 9.76 -11.92 0.49
C GLY A 362 10.86 -12.97 0.36
N LEU A 363 11.43 -13.61 1.37
CA LEU A 363 11.06 -13.33 2.64
C LEU A 363 11.59 -12.03 3.25
N ALA A 364 11.06 -11.63 4.40
CA ALA A 364 11.53 -10.39 5.09
C ALA A 364 11.30 -10.35 6.56
N PHE A 365 12.23 -9.72 7.27
CA PHE A 365 12.07 -9.61 8.70
C PHE A 365 11.81 -8.17 9.02
N GLU A 366 10.99 -7.92 10.02
CA GLU A 366 10.70 -6.58 10.48
C GLU A 366 11.06 -6.65 11.96
N GLY A 367 11.71 -5.62 12.48
CA GLY A 367 12.05 -5.64 13.89
C GLY A 367 11.91 -4.24 14.46
N CYS A 368 11.86 -4.17 15.78
CA CYS A 368 11.72 -2.89 16.43
C CYS A 368 12.15 -3.01 17.89
N PHE A 369 12.86 -2.01 18.37
CA PHE A 369 13.35 -2.01 19.74
C PHE A 369 12.61 -0.93 20.48
N LEU A 370 11.80 -1.34 21.45
CA LEU A 370 11.00 -0.39 22.25
C LEU A 370 11.37 -0.29 23.72
N LYS A 371 11.00 0.82 24.33
CA LYS A 371 11.24 1.08 25.74
C LYS A 371 9.86 1.18 26.41
N ASN A 372 9.55 0.18 27.23
CA ASN A 372 8.27 0.11 27.92
C ASN A 372 8.13 1.29 28.85
N VAL A 373 7.37 2.30 28.42
CA VAL A 373 7.15 3.52 29.21
C VAL A 373 5.94 3.48 30.17
N VAL A 374 5.02 2.54 29.99
CA VAL A 374 3.77 2.40 30.81
C VAL A 374 3.97 2.22 32.38
N ASN B 12 15.49 23.03 5.18
CA ASN B 12 15.23 21.70 5.69
C ASN B 12 13.94 21.11 5.10
N ASN B 13 13.85 21.27 3.78
CA ASN B 13 12.77 20.79 2.95
C ASN B 13 13.33 19.70 2.02
N SER B 14 12.57 18.65 1.77
CA SER B 14 12.98 17.57 0.88
C SER B 14 13.12 18.03 -0.58
N PHE B 15 13.94 17.34 -1.35
CA PHE B 15 14.16 17.70 -2.77
C PHE B 15 14.09 16.47 -3.68
N VAL B 16 13.47 16.57 -4.86
CA VAL B 16 13.50 15.39 -5.69
C VAL B 16 14.79 15.53 -6.49
N LEU B 17 15.72 14.62 -6.20
CA LEU B 17 17.04 14.61 -6.79
C LEU B 17 17.25 13.86 -8.12
N GLY B 18 16.20 13.31 -8.73
CA GLY B 18 16.38 12.59 -9.98
C GLY B 18 15.10 11.88 -10.39
N ILE B 19 14.87 11.77 -11.69
CA ILE B 19 13.65 11.14 -12.19
C ILE B 19 13.98 10.28 -13.41
N GLY B 20 13.23 9.21 -13.59
CA GLY B 20 13.44 8.32 -14.71
C GLY B 20 12.14 7.68 -15.07
N ILE B 21 11.88 7.51 -16.36
CA ILE B 21 10.64 6.88 -16.80
C ILE B 21 10.95 5.61 -17.60
N SER B 22 9.91 4.85 -17.91
CA SER B 22 10.05 3.62 -18.65
C SER B 22 8.69 3.21 -19.19
N VAL B 23 8.62 2.80 -20.46
CA VAL B 23 7.33 2.41 -21.03
C VAL B 23 7.36 1.15 -21.90
N PRO B 24 6.21 0.48 -22.05
CA PRO B 24 6.12 -0.72 -22.86
C PRO B 24 6.31 -0.39 -24.35
N GLY B 25 7.35 -0.96 -24.93
CA GLY B 25 7.63 -0.77 -26.35
C GLY B 25 7.57 0.64 -26.89
N GLU B 26 7.30 0.73 -28.19
CA GLU B 26 7.22 2.00 -28.90
C GLU B 26 5.82 2.63 -28.85
N PRO B 27 5.68 3.91 -29.24
CA PRO B 27 4.40 4.65 -29.24
C PRO B 27 3.37 4.10 -30.22
N ILE B 28 2.21 3.74 -29.70
CA ILE B 28 1.15 3.24 -30.58
C ILE B 28 0.24 4.39 -31.01
N SER B 29 -0.05 4.47 -32.29
CA SER B 29 -0.92 5.53 -32.81
C SER B 29 -2.31 5.49 -32.20
N GLN B 30 -2.84 6.65 -31.81
CA GLN B 30 -4.18 6.71 -31.23
C GLN B 30 -5.19 6.48 -32.34
N GLN B 31 -4.79 6.79 -33.57
CA GLN B 31 -5.67 6.62 -34.69
C GLN B 31 -5.85 5.15 -35.02
N SER B 32 -4.76 4.38 -35.08
CA SER B 32 -4.90 2.95 -35.37
C SER B 32 -5.62 2.25 -34.24
N LEU B 33 -5.37 2.69 -33.00
CA LEU B 33 -6.06 2.10 -31.87
C LEU B 33 -7.55 2.42 -32.02
N LYS B 34 -7.83 3.66 -32.45
CA LYS B 34 -9.20 4.08 -32.69
C LYS B 34 -9.83 3.07 -33.66
N ASP B 35 -9.27 2.93 -34.85
CA ASP B 35 -9.82 1.99 -35.83
C ASP B 35 -9.99 0.62 -35.19
N SER B 36 -8.86 0.01 -34.86
CA SER B 36 -8.84 -1.32 -34.26
C SER B 36 -9.88 -1.55 -33.20
N ILE B 37 -9.77 -0.86 -32.05
CA ILE B 37 -10.74 -1.01 -30.98
C ILE B 37 -12.16 -0.67 -31.39
N SER B 38 -12.37 0.54 -31.90
CA SER B 38 -13.72 0.95 -32.27
C SER B 38 -14.41 -0.06 -33.18
N ASN B 39 -13.68 -0.68 -34.10
CA ASN B 39 -14.31 -1.64 -35.01
C ASN B 39 -14.54 -3.00 -34.35
N ASP B 40 -13.76 -3.30 -33.31
CA ASP B 40 -13.89 -4.59 -32.61
C ASP B 40 -14.79 -4.54 -31.38
N PHE B 41 -15.18 -3.35 -30.97
CA PHE B 41 -16.00 -3.19 -29.78
C PHE B 41 -17.32 -3.96 -29.76
N SER B 42 -17.94 -4.13 -30.92
CA SER B 42 -19.22 -4.84 -30.99
C SER B 42 -19.68 -5.09 -32.42
N ASP B 43 -20.92 -5.57 -32.53
CA ASP B 43 -21.52 -5.86 -33.83
C ASP B 43 -22.64 -4.89 -34.16
N LYS B 44 -22.56 -3.68 -33.61
CA LYS B 44 -23.54 -2.65 -33.88
C LYS B 44 -22.80 -1.38 -34.31
N ALA B 45 -22.87 -1.06 -35.60
CA ALA B 45 -22.21 0.12 -36.15
C ALA B 45 -22.50 1.36 -35.30
N GLU B 46 -23.74 1.47 -34.84
CA GLU B 46 -24.17 2.58 -34.01
C GLU B 46 -23.31 2.64 -32.73
N THR B 47 -23.01 1.48 -32.14
CA THR B 47 -22.20 1.44 -30.92
C THR B 47 -20.72 1.58 -31.24
N ASN B 48 -20.30 1.16 -32.43
CA ASN B 48 -18.89 1.27 -32.85
C ASN B 48 -18.45 2.71 -33.20
N GLU B 49 -19.38 3.50 -33.72
CA GLU B 49 -19.10 4.88 -34.08
C GLU B 49 -19.01 5.66 -32.81
N LYS B 50 -19.85 5.27 -31.86
CA LYS B 50 -19.85 5.92 -30.56
C LYS B 50 -18.49 5.79 -29.88
N VAL B 51 -17.74 4.77 -30.25
CA VAL B 51 -16.40 4.57 -29.69
C VAL B 51 -15.46 5.43 -30.52
N LYS B 52 -15.55 5.24 -31.83
CA LYS B 52 -14.73 5.94 -32.82
C LYS B 52 -14.76 7.43 -32.50
N ARG B 53 -15.94 7.91 -32.10
CA ARG B 53 -16.15 9.33 -31.77
C ARG B 53 -15.32 9.72 -30.55
N ILE B 54 -15.48 8.95 -29.47
CA ILE B 54 -14.75 9.16 -28.23
C ILE B 54 -13.23 9.25 -28.45
N PHE B 55 -12.69 8.37 -29.28
CA PHE B 55 -11.26 8.42 -29.55
C PHE B 55 -10.89 9.75 -30.17
N GLU B 56 -11.59 10.08 -31.25
CA GLU B 56 -11.35 11.34 -31.96
C GLU B 56 -11.30 12.52 -30.98
N GLN B 57 -12.37 12.67 -30.20
CA GLN B 57 -12.44 13.77 -29.25
C GLN B 57 -11.59 13.59 -27.99
N SER B 58 -10.73 12.57 -27.97
CA SER B 58 -9.87 12.31 -26.81
C SER B 58 -8.64 13.21 -26.75
N GLN B 59 -8.20 13.69 -27.91
CA GLN B 59 -7.02 14.55 -27.98
C GLN B 59 -5.71 13.86 -27.60
N ILE B 60 -5.68 12.55 -27.72
CA ILE B 60 -4.46 11.81 -27.40
C ILE B 60 -3.88 11.37 -28.71
N LYS B 61 -2.57 11.57 -28.87
CA LYS B 61 -1.89 11.22 -30.12
C LYS B 61 -1.30 9.82 -30.07
N THR B 62 -0.68 9.48 -28.95
CA THR B 62 -0.09 8.16 -28.80
C THR B 62 -0.17 7.65 -27.38
N ARG B 63 -0.02 6.34 -27.25
CA ARG B 63 -0.04 5.65 -25.97
C ARG B 63 0.89 4.42 -26.08
N HIS B 64 1.40 3.96 -24.94
CA HIS B 64 2.27 2.80 -24.89
C HIS B 64 1.45 1.75 -24.15
N LEU B 65 1.29 0.57 -24.75
CA LEU B 65 0.50 -0.50 -24.15
C LEU B 65 1.15 -1.86 -24.13
N VAL B 66 1.14 -2.51 -22.97
CA VAL B 66 1.70 -3.86 -22.87
C VAL B 66 0.84 -4.71 -23.80
N ARG B 67 -0.44 -4.37 -23.90
CA ARG B 67 -1.35 -5.07 -24.81
C ARG B 67 -1.71 -4.18 -26.00
N ASP B 68 -1.05 -4.41 -27.14
CA ASP B 68 -1.31 -3.61 -28.34
C ASP B 68 -2.58 -4.11 -29.03
N TYR B 69 -3.69 -3.45 -28.75
CA TYR B 69 -4.97 -3.85 -29.32
C TYR B 69 -5.06 -3.80 -30.83
N THR B 70 -4.11 -3.17 -31.49
CA THR B 70 -4.16 -3.12 -32.94
C THR B 70 -3.74 -4.47 -33.51
N LYS B 71 -3.12 -5.31 -32.69
CA LYS B 71 -2.72 -6.65 -33.11
C LYS B 71 -3.98 -7.53 -32.99
N PRO B 72 -4.29 -8.32 -34.02
CA PRO B 72 -5.46 -9.21 -34.06
C PRO B 72 -5.64 -10.08 -32.84
N GLU B 73 -4.56 -10.75 -32.40
CA GLU B 73 -4.65 -11.64 -31.25
C GLU B 73 -5.10 -10.91 -30.02
N ASN B 74 -4.61 -9.69 -29.83
CA ASN B 74 -4.97 -8.91 -28.66
C ASN B 74 -6.29 -8.12 -28.79
N SER B 75 -7.00 -8.29 -29.90
CA SER B 75 -8.26 -7.56 -30.08
C SER B 75 -9.04 -7.48 -28.80
N ILE B 76 -9.82 -6.41 -28.63
CA ILE B 76 -10.62 -6.23 -27.41
C ILE B 76 -11.85 -7.14 -27.30
N LYS B 77 -12.30 -7.66 -28.44
CA LYS B 77 -13.47 -8.54 -28.45
C LYS B 77 -13.19 -9.91 -27.85
N PHE B 78 -11.95 -10.16 -27.43
CA PHE B 78 -11.58 -11.44 -26.85
C PHE B 78 -11.42 -11.31 -25.33
N ARG B 79 -11.33 -10.08 -24.84
CA ARG B 79 -11.13 -9.84 -23.41
C ARG B 79 -12.12 -10.59 -22.50
N HIS B 80 -13.36 -10.72 -22.94
CA HIS B 80 -14.35 -11.40 -22.13
C HIS B 80 -13.98 -12.86 -21.86
N LEU B 81 -13.04 -13.39 -22.63
CA LEU B 81 -12.63 -14.77 -22.45
C LEU B 81 -11.54 -14.94 -21.43
N GLU B 82 -11.07 -13.82 -20.89
CA GLU B 82 -10.01 -13.81 -19.89
C GLU B 82 -10.60 -13.58 -18.49
N THR B 83 -9.87 -13.97 -17.47
CA THR B 83 -10.33 -13.81 -16.10
C THR B 83 -9.28 -13.00 -15.33
N ILE B 84 -9.56 -12.75 -14.06
CA ILE B 84 -8.64 -11.98 -13.24
C ILE B 84 -7.29 -12.70 -13.14
N THR B 85 -7.30 -14.02 -13.27
CA THR B 85 -6.07 -14.79 -13.19
C THR B 85 -5.18 -14.44 -14.37
N ASP B 86 -5.76 -14.38 -15.55
CA ASP B 86 -5.03 -14.07 -16.77
C ASP B 86 -4.31 -12.74 -16.70
N VAL B 87 -5.08 -11.68 -16.57
CA VAL B 87 -4.50 -10.34 -16.52
C VAL B 87 -3.48 -10.13 -15.36
N ASN B 88 -3.77 -10.66 -14.18
CA ASN B 88 -2.85 -10.48 -13.04
C ASN B 88 -1.55 -11.27 -13.21
N ASN B 89 -1.68 -12.50 -13.68
CA ASN B 89 -0.51 -13.34 -13.88
C ASN B 89 0.34 -12.64 -14.92
N GLN B 90 -0.30 -12.12 -15.96
CA GLN B 90 0.41 -11.38 -16.99
C GLN B 90 1.06 -10.15 -16.38
N PHE B 91 0.23 -9.31 -15.75
CA PHE B 91 0.73 -8.11 -15.05
C PHE B 91 2.06 -8.43 -14.29
N LYS B 92 2.02 -9.51 -13.52
CA LYS B 92 3.15 -10.00 -12.73
C LYS B 92 4.37 -10.27 -13.59
N LYS B 93 4.11 -10.61 -14.84
CA LYS B 93 5.15 -10.93 -15.82
C LYS B 93 5.67 -9.71 -16.57
N VAL B 94 4.96 -8.59 -16.47
CA VAL B 94 5.33 -7.39 -17.21
C VAL B 94 5.81 -6.24 -16.31
N VAL B 95 5.51 -6.30 -15.03
CA VAL B 95 5.92 -5.20 -14.17
C VAL B 95 7.30 -5.24 -13.51
N PRO B 96 7.80 -6.42 -13.17
CA PRO B 96 9.12 -6.28 -12.54
C PRO B 96 10.13 -5.51 -13.41
N ASP B 97 10.19 -5.85 -14.70
CA ASP B 97 11.15 -5.21 -15.59
C ASP B 97 10.91 -3.72 -15.77
N LEU B 98 9.68 -3.35 -16.08
CA LEU B 98 9.35 -1.93 -16.29
C LEU B 98 9.77 -1.04 -15.13
N ALA B 99 9.54 -1.49 -13.91
CA ALA B 99 9.89 -0.73 -12.71
C ALA B 99 11.40 -0.70 -12.53
N GLN B 100 12.06 -1.79 -12.93
CA GLN B 100 13.52 -1.90 -12.81
C GLN B 100 14.14 -0.87 -13.76
N GLN B 101 13.55 -0.77 -14.94
CA GLN B 101 14.01 0.15 -15.97
C GLN B 101 13.92 1.60 -15.50
N ALA B 102 12.75 1.98 -14.99
CA ALA B 102 12.55 3.33 -14.47
C ALA B 102 13.45 3.55 -13.26
N CYS B 103 13.44 2.58 -12.36
CA CYS B 103 14.28 2.65 -11.16
C CYS B 103 15.71 2.85 -11.63
N LEU B 104 16.13 2.03 -12.58
CA LEU B 104 17.50 2.11 -13.09
C LEU B 104 17.84 3.51 -13.61
N ARG B 105 16.98 4.03 -14.48
CA ARG B 105 17.18 5.37 -15.04
C ARG B 105 17.12 6.51 -14.02
N ALA B 106 16.23 6.39 -13.04
CA ALA B 106 16.09 7.40 -12.01
C ALA B 106 17.27 7.39 -11.05
N LEU B 107 18.00 6.29 -11.04
CA LEU B 107 19.18 6.18 -10.19
C LEU B 107 20.36 6.88 -10.83
N LYS B 108 20.48 6.68 -12.14
CA LYS B 108 21.55 7.25 -12.93
C LYS B 108 21.34 8.75 -13.03
N ASP B 109 20.09 9.18 -13.05
CA ASP B 109 19.80 10.62 -13.16
C ASP B 109 20.08 11.29 -11.82
N TRP B 110 19.91 10.53 -10.74
CA TRP B 110 20.16 11.01 -9.40
C TRP B 110 21.67 11.26 -9.27
N GLY B 111 22.44 10.24 -9.64
CA GLY B 111 23.89 10.37 -9.57
C GLY B 111 24.65 9.53 -8.54
N GLY B 112 24.12 9.44 -7.31
CA GLY B 112 24.79 8.71 -6.24
C GLY B 112 25.13 7.22 -6.34
N ASP B 113 25.34 6.62 -5.17
CA ASP B 113 25.70 5.24 -5.08
C ASP B 113 24.56 4.50 -4.42
N LYS B 114 23.90 3.69 -5.25
CA LYS B 114 22.74 2.89 -4.86
C LYS B 114 22.83 2.18 -3.51
N GLY B 115 23.96 2.36 -2.81
CA GLY B 115 24.17 1.75 -1.53
C GLY B 115 23.77 2.83 -0.58
N ASP B 116 23.61 4.04 -1.09
CA ASP B 116 23.22 5.17 -0.25
C ASP B 116 21.70 5.29 -0.12
N ILE B 117 20.97 4.45 -0.86
CA ILE B 117 19.50 4.47 -0.83
C ILE B 117 18.98 3.80 0.43
N THR B 118 18.36 4.60 1.29
CA THR B 118 17.80 4.12 2.57
C THR B 118 16.38 3.55 2.44
N HIS B 119 15.60 4.09 1.51
CA HIS B 119 14.22 3.61 1.33
C HIS B 119 13.85 3.29 -0.10
N ILE B 120 12.95 2.33 -0.25
CA ILE B 120 12.49 1.93 -1.57
C ILE B 120 10.96 1.87 -1.44
N VAL B 121 10.27 2.71 -2.22
CA VAL B 121 8.81 2.77 -2.20
C VAL B 121 8.18 2.35 -3.52
N SER B 122 7.38 1.29 -3.46
CA SER B 122 6.68 0.73 -4.62
C SER B 122 5.23 1.28 -4.64
N VAL B 123 4.73 1.56 -5.84
CA VAL B 123 3.38 2.09 -6.01
C VAL B 123 2.61 1.58 -7.22
N THR B 124 1.40 1.09 -7.00
CA THR B 124 0.55 0.61 -8.09
C THR B 124 -0.81 0.16 -7.59
N SER B 125 -1.79 0.19 -8.48
CA SER B 125 -3.16 -0.23 -8.19
C SER B 125 -3.76 -1.02 -9.34
N THR B 126 -2.94 -1.34 -10.34
CA THR B 126 -3.39 -2.10 -11.52
C THR B 126 -3.04 -3.58 -11.52
N GLY B 127 -2.53 -4.08 -10.40
CA GLY B 127 -2.19 -5.48 -10.29
C GLY B 127 -1.66 -5.80 -8.92
N ILE B 128 -1.84 -7.05 -8.48
CA ILE B 128 -1.37 -7.46 -7.18
C ILE B 128 -0.17 -8.38 -7.27
N ILE B 129 0.96 -7.94 -6.72
CA ILE B 129 2.17 -8.74 -6.71
C ILE B 129 2.70 -8.92 -5.30
N ILE B 130 2.84 -10.17 -4.88
CA ILE B 130 3.36 -10.48 -3.54
C ILE B 130 4.42 -11.58 -3.64
N PRO B 131 5.65 -11.30 -3.17
CA PRO B 131 6.15 -10.07 -2.55
C PRO B 131 6.00 -8.90 -3.49
N ASP B 132 5.76 -7.72 -2.93
CA ASP B 132 5.56 -6.50 -3.72
C ASP B 132 6.78 -6.07 -4.58
N VAL B 133 6.52 -5.19 -5.53
CA VAL B 133 7.57 -4.70 -6.42
C VAL B 133 8.82 -4.16 -5.72
N ASN B 134 8.64 -3.44 -4.62
CA ASN B 134 9.80 -2.88 -3.92
C ASN B 134 10.75 -3.95 -3.38
N PHE B 135 10.23 -5.12 -3.03
CA PHE B 135 11.08 -6.20 -2.53
C PHE B 135 11.85 -6.82 -3.69
N LYS B 136 11.14 -7.13 -4.76
CA LYS B 136 11.73 -7.72 -5.95
C LYS B 136 12.89 -6.91 -6.53
N LEU B 137 12.82 -5.60 -6.35
CA LEU B 137 13.85 -4.70 -6.87
C LEU B 137 15.10 -4.69 -6.01
N ILE B 138 14.95 -4.98 -4.72
CA ILE B 138 16.12 -4.97 -3.84
C ILE B 138 17.25 -5.75 -4.48
N ASP B 139 16.94 -6.98 -4.86
CA ASP B 139 17.92 -7.86 -5.48
C ASP B 139 18.21 -7.49 -6.93
N LEU B 140 17.20 -7.03 -7.65
CA LEU B 140 17.37 -6.64 -9.06
C LEU B 140 18.34 -5.48 -9.20
N LEU B 141 18.15 -4.45 -8.38
CA LEU B 141 19.01 -3.28 -8.43
C LEU B 141 20.24 -3.48 -7.56
N GLY B 142 20.23 -4.49 -6.70
CA GLY B 142 21.37 -4.73 -5.84
C GLY B 142 21.47 -3.66 -4.77
N LEU B 143 20.34 -3.32 -4.17
CA LEU B 143 20.32 -2.32 -3.12
C LEU B 143 20.64 -3.02 -1.82
N ASN B 144 20.86 -2.24 -0.78
CA ASN B 144 21.16 -2.80 0.53
C ASN B 144 19.99 -3.73 0.93
N LYS B 145 20.32 -4.97 1.25
CA LYS B 145 19.30 -5.94 1.67
C LYS B 145 18.43 -5.40 2.82
N ASP B 146 18.96 -4.46 3.59
CA ASP B 146 18.25 -3.87 4.71
C ASP B 146 17.47 -2.62 4.37
N VAL B 147 17.56 -2.18 3.12
CA VAL B 147 16.85 -0.97 2.71
C VAL B 147 15.41 -1.07 3.21
N GLU B 148 14.86 0.04 3.70
CA GLU B 148 13.49 0.03 4.20
C GLU B 148 12.42 0.00 3.10
N ARG B 149 11.46 -0.92 3.24
CA ARG B 149 10.40 -1.10 2.25
C ARG B 149 9.08 -0.44 2.63
N VAL B 150 8.40 0.09 1.62
CA VAL B 150 7.10 0.76 1.77
C VAL B 150 6.27 0.44 0.54
N SER B 151 5.14 -0.24 0.73
CA SER B 151 4.24 -0.57 -0.38
C SER B 151 2.99 0.34 -0.42
N LEU B 152 3.02 1.43 -1.20
CA LEU B 152 1.86 2.33 -1.32
C LEU B 152 0.93 1.85 -2.42
N ASN B 153 0.08 0.87 -2.12
CA ASN B 153 -0.80 0.33 -3.14
C ASN B 153 -2.29 0.53 -2.88
N LEU B 154 -3.04 0.57 -3.98
CA LEU B 154 -4.49 0.74 -3.95
C LEU B 154 -4.94 2.19 -3.73
N MET B 155 -4.10 3.15 -4.11
CA MET B 155 -4.49 4.55 -3.92
C MET B 155 -5.05 5.15 -5.21
N GLY B 156 -4.90 4.42 -6.31
CA GLY B 156 -5.43 4.89 -7.57
C GLY B 156 -4.59 5.93 -8.30
N CYS B 157 -5.24 6.60 -9.25
CA CYS B 157 -4.56 7.59 -10.07
C CYS B 157 -3.82 8.66 -9.30
N LEU B 158 -4.23 8.98 -8.07
CA LEU B 158 -3.55 10.03 -7.33
C LEU B 158 -2.27 9.54 -6.64
N ALA B 159 -2.06 8.23 -6.63
CA ALA B 159 -0.90 7.63 -5.96
C ALA B 159 0.39 8.38 -6.26
N GLY B 160 0.44 9.01 -7.42
CA GLY B 160 1.64 9.74 -7.75
C GLY B 160 1.99 10.79 -6.70
N LEU B 161 1.08 11.71 -6.42
CA LEU B 161 1.31 12.75 -5.42
C LEU B 161 1.23 12.18 -3.98
N SER B 162 0.61 11.01 -3.84
CA SER B 162 0.53 10.40 -2.53
C SER B 162 1.94 10.01 -2.10
N SER B 163 2.67 9.36 -3.00
CA SER B 163 4.02 8.93 -2.71
C SER B 163 4.95 10.13 -2.50
N LEU B 164 4.88 11.11 -3.40
CA LEU B 164 5.74 12.29 -3.25
C LEU B 164 5.56 12.84 -1.85
N ARG B 165 4.29 13.00 -1.47
CA ARG B 165 3.90 13.51 -0.16
C ARG B 165 4.49 12.65 0.97
N THR B 166 4.18 11.37 0.98
CA THR B 166 4.70 10.49 2.01
C THR B 166 6.24 10.43 2.01
N ALA B 167 6.86 10.36 0.83
CA ALA B 167 8.31 10.31 0.74
C ALA B 167 8.95 11.63 1.21
N ALA B 168 8.17 12.71 1.17
CA ALA B 168 8.66 14.02 1.61
C ALA B 168 8.87 13.99 3.13
N SER B 169 7.90 13.41 3.84
CA SER B 169 8.00 13.30 5.29
C SER B 169 9.10 12.31 5.65
N LEU B 170 9.14 11.19 4.93
CA LEU B 170 10.14 10.16 5.15
C LEU B 170 11.51 10.80 5.03
N ALA B 171 11.67 11.59 3.98
CA ALA B 171 12.93 12.29 3.72
C ALA B 171 13.26 13.25 4.87
N LYS B 172 12.22 13.83 5.49
CA LYS B 172 12.44 14.78 6.57
C LYS B 172 12.58 14.15 7.95
N ALA B 173 12.63 12.82 8.02
CA ALA B 173 12.80 12.14 9.29
C ALA B 173 14.30 12.00 9.55
N SER B 174 15.11 12.30 8.54
CA SER B 174 16.58 12.24 8.63
C SER B 174 17.26 12.60 7.32
N PRO B 175 18.33 13.43 7.40
CA PRO B 175 19.09 13.88 6.22
C PRO B 175 19.91 12.75 5.62
N ARG B 176 19.97 11.63 6.34
CA ARG B 176 20.71 10.44 5.90
C ARG B 176 19.89 9.71 4.84
N ASN B 177 18.57 9.85 4.94
CA ASN B 177 17.64 9.20 4.03
C ASN B 177 17.66 9.65 2.58
N ARG B 178 17.52 8.67 1.69
CA ARG B 178 17.47 8.87 0.26
C ARG B 178 16.45 7.85 -0.22
N ILE B 179 15.21 8.30 -0.36
CA ILE B 179 14.11 7.45 -0.77
C ILE B 179 13.93 7.31 -2.29
N LEU B 180 13.90 6.06 -2.75
CA LEU B 180 13.68 5.75 -4.17
C LEU B 180 12.21 5.33 -4.32
N VAL B 181 11.49 5.98 -5.24
CA VAL B 181 10.08 5.68 -5.45
C VAL B 181 9.77 5.28 -6.89
N VAL B 182 8.96 4.24 -7.05
CA VAL B 182 8.58 3.73 -8.36
C VAL B 182 7.09 3.56 -8.43
N CYS B 183 6.45 4.29 -9.33
CA CYS B 183 5.02 4.18 -9.54
C CYS B 183 4.88 3.52 -10.90
N THR B 184 4.33 2.32 -10.93
CA THR B 184 4.19 1.65 -12.20
C THR B 184 2.79 1.06 -12.27
N GLU B 185 2.09 1.32 -13.37
CA GLU B 185 0.72 0.83 -13.56
C GLU B 185 0.50 0.30 -14.99
N VAL B 186 -0.22 -0.80 -15.13
CA VAL B 186 -0.52 -1.38 -16.43
C VAL B 186 -2.04 -1.52 -16.60
N CYS B 187 -2.63 -0.60 -17.36
CA CYS B 187 -4.07 -0.58 -17.59
C CYS B 187 -4.58 -1.28 -18.84
N SER B 188 -3.77 -1.32 -19.89
CA SER B 188 -4.18 -1.92 -21.14
C SER B 188 -4.67 -3.33 -20.98
N LEU B 189 -4.17 -4.02 -19.95
CA LEU B 189 -4.59 -5.40 -19.70
C LEU B 189 -6.05 -5.49 -19.27
N HIS B 190 -6.60 -4.38 -18.82
CA HIS B 190 -7.95 -4.38 -18.30
C HIS B 190 -9.09 -3.77 -19.11
N PHE B 191 -8.83 -3.32 -20.33
CA PHE B 191 -9.91 -2.73 -21.13
C PHE B 191 -11.10 -3.67 -21.24
N SER B 192 -12.29 -3.08 -21.29
CA SER B 192 -13.50 -3.87 -21.41
C SER B 192 -14.44 -3.32 -22.49
N ASN B 193 -15.22 -4.20 -23.10
CA ASN B 193 -16.14 -3.77 -24.15
C ASN B 193 -17.54 -4.02 -23.64
N THR B 194 -17.74 -3.69 -22.38
CA THR B 194 -19.07 -3.90 -21.76
C THR B 194 -19.80 -2.60 -21.54
N ASP B 195 -20.70 -2.65 -20.59
CA ASP B 195 -21.52 -1.52 -20.19
C ASP B 195 -21.88 -0.40 -20.97
N GLY B 196 -21.03 0.63 -20.97
CA GLY B 196 -21.29 1.83 -21.72
C GLY B 196 -20.12 2.79 -21.73
N GLY B 197 -20.48 4.05 -21.79
CA GLY B 197 -19.53 5.13 -21.87
C GLY B 197 -18.21 5.10 -21.17
N ASP B 198 -18.24 5.01 -19.84
CA ASP B 198 -17.02 4.98 -19.04
C ASP B 198 -16.07 3.87 -19.53
N GLN B 199 -16.64 2.81 -20.10
CA GLN B 199 -15.85 1.71 -20.59
C GLN B 199 -15.17 2.12 -21.89
N MET B 200 -15.91 2.78 -22.78
CA MET B 200 -15.36 3.22 -24.04
C MET B 200 -14.27 4.27 -23.77
N VAL B 201 -14.59 5.22 -22.90
CA VAL B 201 -13.65 6.28 -22.53
C VAL B 201 -12.35 5.68 -22.01
N ALA B 202 -12.49 4.86 -20.98
CA ALA B 202 -11.33 4.22 -20.36
C ALA B 202 -10.44 3.57 -21.42
N SER B 203 -11.05 2.94 -22.41
CA SER B 203 -10.27 2.28 -23.47
C SER B 203 -9.61 3.29 -24.40
N SER B 204 -9.98 4.56 -24.29
CA SER B 204 -9.40 5.57 -25.16
C SER B 204 -8.30 6.39 -24.51
N ILE B 205 -8.31 6.48 -23.19
CA ILE B 205 -7.34 7.31 -22.49
C ILE B 205 -6.24 6.63 -21.64
N PHE B 206 -6.54 5.49 -21.05
CA PHE B 206 -5.54 4.83 -20.22
C PHE B 206 -4.41 4.16 -21.00
N ALA B 207 -3.23 4.19 -20.41
CA ALA B 207 -2.03 3.59 -20.97
C ALA B 207 -1.17 3.02 -19.84
N ASP B 208 -0.07 2.37 -20.18
CA ASP B 208 0.80 1.78 -19.17
C ASP B 208 2.15 2.48 -19.11
N GLY B 209 2.75 2.50 -17.93
CA GLY B 209 4.04 3.13 -17.77
C GLY B 209 4.60 3.00 -16.37
N SER B 210 5.86 3.38 -16.22
CA SER B 210 6.53 3.33 -14.93
C SER B 210 7.43 4.55 -14.82
N ALA B 211 7.37 5.19 -13.65
CA ALA B 211 8.18 6.37 -13.36
C ALA B 211 8.77 6.27 -11.97
N ALA B 212 10.05 6.62 -11.83
CA ALA B 212 10.72 6.56 -10.54
C ALA B 212 11.48 7.86 -10.25
N TYR B 213 11.67 8.17 -8.98
CA TYR B 213 12.41 9.37 -8.62
C TYR B 213 13.11 9.20 -7.26
N ILE B 214 14.24 9.89 -7.09
CA ILE B 214 15.00 9.84 -5.84
C ILE B 214 14.66 11.13 -5.11
N ILE B 215 14.49 11.06 -3.79
CA ILE B 215 14.13 12.23 -3.02
C ILE B 215 14.82 12.26 -1.66
N GLY B 216 15.20 13.45 -1.20
CA GLY B 216 15.87 13.55 0.09
C GLY B 216 16.07 14.97 0.58
N CYS B 217 16.53 15.13 1.81
CA CYS B 217 16.75 16.46 2.38
C CYS B 217 18.21 16.81 2.38
N ASN B 218 18.51 18.10 2.45
CA ASN B 218 19.89 18.58 2.47
C ASN B 218 20.66 17.99 1.31
N PRO B 219 20.49 18.58 0.11
CA PRO B 219 21.20 18.08 -1.07
C PRO B 219 22.68 17.92 -0.77
N ARG B 220 23.33 16.96 -1.43
CA ARG B 220 24.75 16.70 -1.20
C ARG B 220 25.64 17.18 -2.35
N ILE B 221 26.92 17.33 -2.06
CA ILE B 221 27.92 17.82 -2.99
C ILE B 221 27.79 17.43 -4.47
N GLU B 222 27.52 16.16 -4.74
CA GLU B 222 27.43 15.70 -6.13
C GLU B 222 26.00 15.53 -6.64
N GLU B 223 25.04 15.94 -5.83
CA GLU B 223 23.64 15.84 -6.23
C GLU B 223 23.20 17.14 -6.88
N THR B 224 22.42 17.00 -7.95
CA THR B 224 21.93 18.18 -8.65
C THR B 224 20.40 18.19 -8.61
N PRO B 225 19.82 18.84 -7.57
CA PRO B 225 18.39 18.98 -7.32
C PRO B 225 17.54 19.39 -8.53
N LEU B 226 16.35 18.80 -8.64
CA LEU B 226 15.42 19.09 -9.71
C LEU B 226 14.23 19.96 -9.27
N TYR B 227 13.59 19.58 -8.17
CA TYR B 227 12.46 20.35 -7.65
C TYR B 227 12.55 20.45 -6.15
N GLU B 228 12.18 21.60 -5.61
CA GLU B 228 12.16 21.76 -4.17
C GLU B 228 10.71 21.57 -3.71
N VAL B 229 10.47 20.49 -2.96
CA VAL B 229 9.13 20.17 -2.48
C VAL B 229 8.92 20.99 -1.23
N MET B 230 8.28 22.15 -1.38
CA MET B 230 8.01 23.04 -0.26
C MET B 230 6.90 22.50 0.65
N CYS B 231 5.78 22.13 0.06
CA CYS B 231 4.66 21.58 0.83
C CYS B 231 3.67 20.88 -0.07
N SER B 232 2.92 19.94 0.50
CA SER B 232 1.93 19.20 -0.25
C SER B 232 0.78 18.82 0.67
N ILE B 233 -0.42 18.73 0.11
CA ILE B 233 -1.62 18.40 0.87
C ILE B 233 -2.53 17.42 0.11
N ASN B 234 -3.63 17.06 0.75
CA ASN B 234 -4.62 16.19 0.13
C ASN B 234 -5.99 16.49 0.72
N ARG B 235 -7.04 16.24 -0.06
CA ARG B 235 -8.39 16.51 0.39
C ARG B 235 -9.28 15.32 0.06
N SER B 236 -10.26 15.07 0.92
CA SER B 236 -11.21 13.98 0.70
C SER B 236 -12.62 14.57 0.60
N PHE B 237 -13.43 14.01 -0.28
CA PHE B 237 -14.79 14.51 -0.44
C PHE B 237 -15.81 13.43 -0.10
N PRO B 238 -16.65 13.68 0.90
CA PRO B 238 -17.69 12.72 1.32
C PRO B 238 -18.75 12.45 0.26
N ASN B 239 -19.46 11.35 0.44
CA ASN B 239 -20.54 10.95 -0.45
C ASN B 239 -20.17 10.92 -1.95
N THR B 240 -18.99 10.39 -2.27
CA THR B 240 -18.56 10.29 -3.67
C THR B 240 -17.73 9.04 -3.92
N GLU B 241 -17.80 8.09 -3.00
CA GLU B 241 -17.00 6.89 -3.15
C GLU B 241 -17.27 6.11 -4.43
N ASN B 242 -18.44 6.31 -5.02
CA ASN B 242 -18.80 5.61 -6.26
C ASN B 242 -18.44 6.37 -7.53
N ALA B 243 -17.86 7.55 -7.37
CA ALA B 243 -17.48 8.35 -8.52
C ALA B 243 -16.55 7.57 -9.42
N MET B 244 -15.65 6.82 -8.80
CA MET B 244 -14.66 6.01 -9.51
C MET B 244 -14.62 4.61 -8.93
N VAL B 245 -14.96 3.61 -9.76
CA VAL B 245 -14.99 2.23 -9.31
C VAL B 245 -13.86 1.41 -9.96
N TRP B 246 -13.28 0.50 -9.18
CA TRP B 246 -12.20 -0.37 -9.62
C TRP B 246 -12.38 -1.61 -8.74
N ASP B 247 -13.37 -2.44 -9.08
CA ASP B 247 -13.68 -3.63 -8.28
C ASP B 247 -13.01 -4.91 -8.72
N LEU B 248 -12.50 -5.65 -7.74
CA LEU B 248 -11.85 -6.93 -8.00
C LEU B 248 -12.90 -8.01 -8.19
N GLU B 249 -13.01 -8.55 -9.40
CA GLU B 249 -13.99 -9.58 -9.67
C GLU B 249 -13.39 -10.66 -10.54
N LYS B 250 -13.92 -11.88 -10.41
CA LYS B 250 -13.42 -13.02 -11.17
C LYS B 250 -13.10 -12.78 -12.64
N GLU B 251 -13.92 -11.99 -13.33
CA GLU B 251 -13.71 -11.69 -14.74
C GLU B 251 -12.56 -10.70 -14.93
N GLY B 252 -12.31 -9.90 -13.90
CA GLY B 252 -11.26 -8.91 -13.95
C GLY B 252 -11.67 -7.69 -13.16
N TRP B 253 -10.86 -6.63 -13.22
CA TRP B 253 -11.20 -5.42 -12.51
C TRP B 253 -12.37 -4.72 -13.19
N ASN B 254 -13.41 -4.45 -12.41
CA ASN B 254 -14.60 -3.78 -12.95
C ASN B 254 -14.46 -2.27 -12.77
N LEU B 255 -14.27 -1.56 -13.87
CA LEU B 255 -14.13 -0.10 -13.83
C LEU B 255 -15.42 0.69 -13.93
N GLY B 256 -15.43 1.86 -13.29
CA GLY B 256 -16.58 2.75 -13.30
C GLY B 256 -16.12 4.19 -13.17
N LEU B 257 -16.49 5.02 -14.15
CA LEU B 257 -16.15 6.45 -14.15
C LEU B 257 -17.44 7.26 -14.29
N ASP B 258 -17.77 8.05 -13.27
CA ASP B 258 -19.00 8.84 -13.31
C ASP B 258 -18.82 10.06 -14.17
N ALA B 259 -19.87 10.41 -14.92
CA ALA B 259 -19.86 11.56 -15.83
C ALA B 259 -19.63 12.89 -15.10
N SER B 260 -19.92 12.89 -13.80
CA SER B 260 -19.77 14.08 -12.97
C SER B 260 -18.33 14.37 -12.57
N ILE B 261 -17.46 13.36 -12.68
CA ILE B 261 -16.07 13.54 -12.28
C ILE B 261 -15.45 14.86 -12.75
N PRO B 262 -15.46 15.13 -14.07
CA PRO B 262 -14.88 16.38 -14.58
C PRO B 262 -15.32 17.63 -13.79
N ILE B 263 -16.61 17.93 -13.89
CA ILE B 263 -17.22 19.06 -13.22
C ILE B 263 -17.04 19.08 -11.70
N VAL B 264 -17.15 17.91 -11.06
CA VAL B 264 -16.95 17.86 -9.60
C VAL B 264 -15.53 18.34 -9.30
N ILE B 265 -14.55 17.73 -9.98
CA ILE B 265 -13.17 18.13 -9.81
C ILE B 265 -13.04 19.61 -10.06
N GLY B 266 -13.59 20.06 -11.17
CA GLY B 266 -13.53 21.47 -11.51
C GLY B 266 -14.06 22.39 -10.43
N SER B 267 -15.24 22.10 -9.91
CA SER B 267 -15.82 22.98 -8.90
C SER B 267 -15.09 22.99 -7.54
N GLY B 268 -14.30 21.96 -7.25
CA GLY B 268 -13.61 21.96 -5.97
C GLY B 268 -12.14 22.30 -6.08
N ILE B 269 -11.64 22.39 -7.31
CA ILE B 269 -10.24 22.65 -7.55
C ILE B 269 -9.72 23.97 -6.97
N GLU B 270 -10.41 25.09 -7.22
CA GLU B 270 -9.97 26.40 -6.72
C GLU B 270 -9.80 26.46 -5.22
N ALA B 271 -10.83 26.09 -4.49
CA ALA B 271 -10.77 26.14 -3.04
C ALA B 271 -9.57 25.31 -2.55
N PHE B 272 -9.33 24.19 -3.23
CA PHE B 272 -8.22 23.30 -2.89
C PHE B 272 -6.87 23.96 -3.18
N VAL B 273 -6.72 24.53 -4.38
CA VAL B 273 -5.47 25.20 -4.76
C VAL B 273 -5.24 26.36 -3.79
N ASP B 274 -6.32 26.89 -3.22
CA ASP B 274 -6.16 27.98 -2.28
C ASP B 274 -5.58 27.47 -0.97
N THR B 275 -6.01 26.30 -0.51
CA THR B 275 -5.51 25.76 0.73
C THR B 275 -4.02 25.47 0.58
N LEU B 276 -3.64 25.04 -0.63
CA LEU B 276 -2.24 24.73 -0.90
C LEU B 276 -1.37 25.98 -0.91
N LEU B 277 -1.87 27.05 -1.53
CA LEU B 277 -1.15 28.31 -1.64
C LEU B 277 -0.90 29.00 -0.29
N ASP B 278 -1.83 28.86 0.64
CA ASP B 278 -1.70 29.46 1.95
C ASP B 278 -0.59 28.79 2.74
N LYS B 279 -0.43 27.48 2.53
CA LYS B 279 0.60 26.71 3.21
C LYS B 279 1.94 27.12 2.63
N ALA B 280 1.95 27.39 1.33
CA ALA B 280 3.18 27.81 0.65
C ALA B 280 3.60 29.18 1.13
N LYS B 281 2.64 30.09 1.26
CA LYS B 281 2.93 31.45 1.69
C LYS B 281 3.52 31.50 3.09
N LEU B 282 3.58 30.35 3.76
CA LEU B 282 4.14 30.27 5.11
C LEU B 282 5.67 30.26 5.01
N GLN B 283 6.18 30.08 3.79
CA GLN B 283 7.61 30.04 3.53
C GLN B 283 7.96 31.16 2.54
N THR B 284 7.30 31.10 1.41
CA THR B 284 7.51 32.04 0.31
C THR B 284 6.95 33.38 0.62
N SER B 285 6.92 33.82 1.87
CA SER B 285 6.30 35.15 2.20
C SER B 285 6.24 36.17 1.06
N THR B 286 5.50 35.84 -0.02
CA THR B 286 5.37 36.75 -1.18
C THR B 286 4.12 36.42 -2.01
N ALA B 287 3.05 36.23 -1.24
CA ALA B 287 1.70 35.93 -1.72
C ALA B 287 1.64 35.46 -3.15
N ILE B 288 1.77 34.16 -3.33
CA ILE B 288 1.80 33.62 -4.67
C ILE B 288 0.49 33.46 -5.35
N SER B 289 0.55 33.69 -6.64
CA SER B 289 -0.61 33.58 -7.48
C SER B 289 -0.41 32.33 -8.32
N ALA B 290 -1.42 31.53 -8.48
CA ALA B 290 -1.38 30.34 -9.27
C ALA B 290 -1.18 30.73 -10.73
N LYS B 291 -1.53 31.97 -11.01
CA LYS B 291 -1.40 32.51 -12.35
C LYS B 291 0.07 32.63 -12.79
N ASP B 292 0.99 32.62 -11.82
CA ASP B 292 2.40 32.71 -12.10
C ASP B 292 3.06 31.35 -11.99
N CYS B 293 2.27 30.33 -11.64
CA CYS B 293 2.83 29.01 -11.47
C CYS B 293 2.67 28.07 -12.64
N GLU B 294 3.66 27.19 -12.81
CA GLU B 294 3.64 26.18 -13.87
C GLU B 294 2.74 25.09 -13.32
N PHE B 295 1.87 24.57 -14.18
CA PHE B 295 0.95 23.52 -13.72
C PHE B 295 1.27 22.12 -14.20
N LEU B 296 1.73 21.29 -13.26
CA LEU B 296 2.11 19.91 -13.49
C LEU B 296 0.99 19.05 -12.98
N ILE B 297 -0.02 18.87 -13.84
CA ILE B 297 -1.20 18.07 -13.47
C ILE B 297 -1.20 16.66 -14.01
N HIS B 298 -1.75 15.75 -13.21
CA HIS B 298 -1.91 14.34 -13.56
C HIS B 298 -2.75 14.32 -14.83
N THR B 299 -2.21 13.72 -15.89
CA THR B 299 -2.88 13.67 -17.18
C THR B 299 -4.04 12.67 -17.19
N GLY B 300 -5.09 12.99 -16.43
CA GLY B 300 -6.23 12.10 -16.32
C GLY B 300 -7.20 12.04 -17.50
N GLY B 301 -7.39 13.14 -18.20
CA GLY B 301 -8.29 13.15 -19.33
C GLY B 301 -8.54 14.56 -19.77
N LYS B 302 -8.69 14.75 -21.08
CA LYS B 302 -8.93 16.09 -21.65
C LYS B 302 -10.04 16.92 -20.99
N SER B 303 -11.14 16.28 -20.63
CA SER B 303 -12.24 16.98 -19.99
C SER B 303 -11.84 17.38 -18.58
N ILE B 304 -11.21 16.47 -17.86
CA ILE B 304 -10.84 16.78 -16.51
C ILE B 304 -9.68 17.78 -16.54
N LEU B 305 -8.94 17.81 -17.64
CA LEU B 305 -7.80 18.75 -17.75
C LEU B 305 -8.27 20.17 -18.11
N MET B 306 -9.28 20.25 -18.98
CA MET B 306 -9.81 21.54 -19.39
C MET B 306 -10.68 22.17 -18.31
N ASN B 307 -11.38 21.34 -17.55
CA ASN B 307 -12.25 21.84 -16.50
C ASN B 307 -11.38 22.53 -15.47
N ILE B 308 -10.28 21.88 -15.11
CA ILE B 308 -9.36 22.46 -14.14
C ILE B 308 -8.82 23.78 -14.70
N GLU B 309 -8.29 23.78 -15.92
CA GLU B 309 -7.78 25.02 -16.53
C GLU B 309 -8.78 26.17 -16.42
N ASN B 310 -10.03 25.89 -16.74
CA ASN B 310 -11.14 26.85 -16.71
C ASN B 310 -11.47 27.43 -15.32
N SER B 311 -11.67 26.54 -14.36
CA SER B 311 -12.02 26.90 -12.98
C SER B 311 -10.98 27.71 -12.27
N LEU B 312 -9.73 27.62 -12.71
CA LEU B 312 -8.67 28.34 -12.06
C LEU B 312 -8.32 29.51 -12.97
N GLY B 313 -9.03 29.60 -14.08
CA GLY B 313 -8.78 30.66 -15.06
C GLY B 313 -7.31 30.81 -15.40
N ILE B 314 -6.66 29.74 -15.82
CA ILE B 314 -5.25 29.79 -16.14
C ILE B 314 -4.99 29.71 -17.62
N ASP B 315 -3.79 30.15 -17.97
CA ASP B 315 -3.37 30.18 -19.38
C ASP B 315 -2.65 28.91 -19.82
N PRO B 316 -2.75 28.58 -21.13
CA PRO B 316 -2.16 27.42 -21.80
C PRO B 316 -0.65 27.30 -21.56
N LYS B 317 0.03 28.42 -21.39
CA LYS B 317 1.48 28.40 -21.16
C LYS B 317 1.85 27.69 -19.87
N GLN B 318 0.98 27.78 -18.86
CA GLN B 318 1.28 27.16 -17.58
C GLN B 318 1.00 25.66 -17.54
N THR B 319 0.28 25.14 -18.52
CA THR B 319 -0.02 23.71 -18.54
C THR B 319 0.45 23.05 -19.82
N LYS B 320 1.40 23.68 -20.51
CA LYS B 320 1.92 23.15 -21.76
C LYS B 320 2.62 21.79 -21.55
N ASN B 321 3.46 21.74 -20.53
CA ASN B 321 4.22 20.52 -20.22
C ASN B 321 3.34 19.31 -19.93
N THR B 322 2.27 19.49 -19.17
CA THR B 322 1.39 18.38 -18.86
C THR B 322 0.65 17.93 -20.11
N TRP B 323 0.26 18.86 -20.98
CA TRP B 323 -0.45 18.48 -22.20
C TRP B 323 0.47 17.70 -23.15
N ASP B 324 1.77 17.99 -23.09
CA ASP B 324 2.72 17.27 -23.94
C ASP B 324 2.65 15.82 -23.48
N VAL B 325 2.73 15.61 -22.18
CA VAL B 325 2.68 14.27 -21.62
C VAL B 325 1.38 13.54 -21.96
N TYR B 326 0.25 14.23 -21.78
CA TYR B 326 -1.04 13.63 -22.07
C TYR B 326 -1.20 13.30 -23.54
N HIS B 327 -0.72 14.16 -24.44
CA HIS B 327 -0.86 13.90 -25.88
C HIS B 327 -0.06 12.66 -26.26
N ALA B 328 1.12 12.53 -25.65
CA ALA B 328 2.06 11.45 -25.95
C ALA B 328 1.99 10.15 -25.13
N TYR B 329 1.25 10.15 -24.04
CA TYR B 329 1.18 8.95 -23.21
C TYR B 329 -0.22 8.66 -22.73
N GLY B 330 -0.97 9.73 -22.50
CA GLY B 330 -2.32 9.65 -22.03
C GLY B 330 -2.27 9.48 -20.52
N ASN B 331 -3.27 8.77 -20.00
CA ASN B 331 -3.39 8.52 -18.58
C ASN B 331 -2.74 7.21 -18.13
N MET B 332 -1.58 7.29 -17.47
CA MET B 332 -0.90 6.10 -16.99
C MET B 332 -1.08 5.97 -15.48
N SER B 333 -2.21 6.47 -14.98
CA SER B 333 -2.51 6.40 -13.55
C SER B 333 -1.43 7.13 -12.73
N SER B 334 -1.12 6.58 -11.57
CA SER B 334 -0.13 7.19 -10.68
C SER B 334 1.16 7.76 -11.28
N ALA B 335 1.72 7.11 -12.31
CA ALA B 335 2.96 7.58 -12.94
C ALA B 335 2.84 8.89 -13.71
N SER B 336 1.72 9.06 -14.40
CA SER B 336 1.46 10.25 -15.20
C SER B 336 1.90 11.62 -14.60
N VAL B 337 1.85 11.75 -13.27
CA VAL B 337 2.24 12.98 -12.60
C VAL B 337 3.74 13.14 -12.72
N ILE B 338 4.42 12.03 -12.42
CA ILE B 338 5.85 11.95 -12.43
C ILE B 338 6.40 12.10 -13.83
N PHE B 339 5.70 11.52 -14.79
CA PHE B 339 6.14 11.62 -16.19
C PHE B 339 6.20 13.10 -16.57
N VAL B 340 5.16 13.83 -16.19
CA VAL B 340 5.08 15.25 -16.50
C VAL B 340 6.22 16.00 -15.83
N MET B 341 6.50 15.70 -14.56
CA MET B 341 7.58 16.37 -13.83
C MET B 341 8.92 16.18 -14.56
N ASP B 342 9.15 14.96 -15.03
CA ASP B 342 10.38 14.63 -15.74
C ASP B 342 10.53 15.53 -16.96
N HIS B 343 9.59 15.46 -17.89
CA HIS B 343 9.62 16.26 -19.11
C HIS B 343 9.59 17.77 -18.87
N ALA B 344 9.08 18.19 -17.71
CA ALA B 344 9.03 19.61 -17.38
C ALA B 344 10.37 20.19 -16.98
N ARG B 345 11.21 19.40 -16.28
CA ARG B 345 12.53 19.88 -15.86
C ARG B 345 13.49 19.91 -17.03
N LYS B 346 13.03 19.36 -18.15
CA LYS B 346 13.82 19.37 -19.36
C LYS B 346 13.65 20.74 -20.03
N SER B 347 12.54 21.42 -19.72
CA SER B 347 12.26 22.73 -20.27
C SER B 347 13.25 23.73 -19.70
N LYS B 348 13.46 24.83 -20.42
CA LYS B 348 14.42 25.85 -20.00
C LYS B 348 13.73 27.16 -19.74
N SER B 349 12.53 27.08 -19.15
CA SER B 349 11.80 28.31 -18.86
C SER B 349 10.72 28.05 -17.83
N LEU B 350 11.10 27.40 -16.73
CA LEU B 350 10.11 27.15 -15.72
C LEU B 350 10.05 28.26 -14.74
N PRO B 351 8.82 28.72 -14.42
CA PRO B 351 8.70 29.80 -13.47
C PRO B 351 9.47 29.49 -12.22
N THR B 352 9.41 30.36 -11.22
CA THR B 352 10.13 30.07 -10.02
C THR B 352 9.43 28.89 -9.41
N TYR B 353 8.10 28.90 -9.48
CA TYR B 353 7.28 27.86 -8.85
C TYR B 353 6.36 26.95 -9.70
N SER B 354 5.93 25.83 -9.13
CA SER B 354 5.01 24.90 -9.83
C SER B 354 3.94 24.32 -8.90
N ILE B 355 2.73 24.12 -9.42
CA ILE B 355 1.67 23.53 -8.62
C ILE B 355 1.37 22.21 -9.27
N SER B 356 1.38 21.14 -8.49
CA SER B 356 1.06 19.83 -9.05
C SER B 356 -0.25 19.34 -8.45
N LEU B 357 -1.11 18.81 -9.31
CA LEU B 357 -2.41 18.32 -8.88
C LEU B 357 -2.65 16.89 -9.34
N ALA B 358 -3.43 16.15 -8.55
CA ALA B 358 -3.78 14.77 -8.88
C ALA B 358 -5.07 14.45 -8.14
N PHE B 359 -5.88 13.60 -8.75
CA PHE B 359 -7.15 13.22 -8.15
C PHE B 359 -7.42 11.75 -8.43
N GLY B 360 -8.06 11.11 -7.48
CA GLY B 360 -8.39 9.73 -7.69
C GLY B 360 -9.54 9.23 -6.84
N PRO B 361 -9.64 7.88 -6.67
CA PRO B 361 -10.67 7.21 -5.89
C PRO B 361 -10.97 7.90 -4.57
N GLY B 362 -12.23 8.01 -4.25
CA GLY B 362 -12.51 8.78 -3.05
C GLY B 362 -13.89 9.44 -2.82
N LEU B 363 -13.97 10.61 -3.42
CA LEU B 363 -12.94 11.27 -4.19
C LEU B 363 -11.81 11.89 -3.38
N ALA B 364 -10.69 12.21 -4.02
CA ALA B 364 -9.57 12.79 -3.29
C ALA B 364 -8.63 13.57 -4.18
N PHE B 365 -8.20 14.72 -3.68
CA PHE B 365 -7.28 15.52 -4.43
C PHE B 365 -5.92 15.41 -3.76
N GLU B 366 -4.87 15.50 -4.56
CA GLU B 366 -3.51 15.49 -4.04
C GLU B 366 -2.92 16.75 -4.66
N GLY B 367 -2.23 17.53 -3.86
CA GLY B 367 -1.64 18.74 -4.37
C GLY B 367 -0.26 18.94 -3.82
N CYS B 368 0.60 19.59 -4.58
CA CYS B 368 1.96 19.84 -4.14
C CYS B 368 2.49 21.14 -4.71
N PHE B 369 3.17 21.92 -3.88
CA PHE B 369 3.74 23.19 -4.32
C PHE B 369 5.27 23.05 -4.37
N LEU B 370 5.84 23.13 -5.57
CA LEU B 370 7.28 22.99 -5.75
C LEU B 370 7.98 24.24 -6.25
N LYS B 371 9.29 24.23 -6.10
CA LYS B 371 10.13 25.33 -6.56
C LYS B 371 11.11 24.72 -7.58
N ASN B 372 10.97 25.12 -8.83
CA ASN B 372 11.81 24.66 -9.93
C ASN B 372 13.25 25.07 -9.68
N VAL B 373 14.07 24.10 -9.29
CA VAL B 373 15.48 24.30 -8.96
C VAL B 373 16.47 24.05 -10.11
N VAL B 374 16.05 23.26 -11.09
CA VAL B 374 16.90 22.91 -12.23
C VAL B 374 17.63 24.06 -12.91
O1 P6G C . 3.47 -15.95 9.35
C2 P6G C . 2.64 -16.45 8.30
C3 P6G C . 3.00 -17.86 7.81
O4 P6G C . 3.72 -18.66 8.81
C5 P6G C . 4.58 -19.69 8.25
C6 P6G C . 4.19 -21.02 8.89
O7 P6G C . 4.62 -22.14 8.05
C8 P6G C . 4.85 -23.29 8.97
C9 P6G C . 5.30 -24.31 7.99
O10 P6G C . 4.43 -25.07 7.44
C11 P6G C . 4.62 -25.99 6.27
C12 P6G C . 3.81 -26.59 5.93
O13 P6G C . 4.02 -27.62 4.87
C14 P6G C . 3.16 -28.39 4.45
C15 P6G C . 3.80 -28.70 2.98
O16 P6G C . 3.83 -28.18 1.80
C17 P6G C . 2.51 -27.77 1.43
C18 P6G C . 2.66 -27.83 -0.07
O19 P6G C . 1.54 -28.49 -0.58
#